data_9N3N
#
_entry.id   9N3N
#
_cell.length_a   102.490
_cell.length_b   136.410
_cell.length_c   178.020
_cell.angle_alpha   90.000
_cell.angle_beta   90.000
_cell.angle_gamma   90.000
#
_symmetry.space_group_name_H-M   'I 2 2 2'
#
loop_
_entity.id
_entity.type
_entity.pdbx_description
1 polymer 'Protein arginine N-methyltransferase 5'
2 polymer 'Methylosome protein 50'
3 non-polymer "5'-DEOXY-5'-METHYLTHIOADENOSINE"
4 non-polymer N-(6-amino-5-cyclopropylpyridin-3-yl)-2-[(2R,5S)-2-(1,3-benzothiazol-5-yl)-5-methylpiperidin-1-yl]-2-oxoacetamide
5 non-polymer 'CHLORIDE ION'
6 non-polymer 1,2-ETHANEDIOL
7 non-polymer DI(HYDROXYETHYL)ETHER
8 non-polymer 'TRIETHYLENE GLYCOL'
9 water water
#
loop_
_entity_poly.entity_id
_entity_poly.type
_entity_poly.pdbx_seq_one_letter_code
_entity_poly.pdbx_strand_id
1 'polypeptide(L)'
;MDYKDDDDKAAMAVGGAGGSRVSSGRDLNCVPEIADTLGAVAKQGFDFLCMPVFHPRFKREFIQEPAKNRPGPQTRSDLL
LSGRDWNTLIVGKLSPWIRPDSKVEKIRRNSEAAMLQELNFGAYLGLPAFLLPLNQEDNTNLARVLTNHIHTGHHSSMFW
MRVPLVAPEDLRDDIIENAPTTHTEEYSGEEKTWMWWHNFRTLCDYSKRIAVALEIGADLPSNHVIDRWLGEPIKAAILP
TSIFLTNKKGFPVLSKMHQRLIFRLLKLEVQFIITGTNHHSEKEFCSYLQYLEYLSQNRPPPNAYELFAKGYEDYLQSPL
QPLMDNLESQTYEVFEKDPIKYSQYQQAIYKCLLDRVPEEEKDTNVQVLMVLGAGRGPLVNASLRAAKQADRRIKLYAVE
KNPNAVVTLENWQFEEWGSQVTVVSSDMREWVAPEKADIIVSELLGSFADNELSPECLDGAQHFLKDDGVSIPGEYTSFL
APISSSKLYNEVRACREKDRDPEAQFEMPYVVRLHNFHQLSAPQPCFTFSHPNRDPMIDNNRYCTLEFPVEVNTVLHGFA
GYFETVLYQDITLSIRPETHSPGMFSWFPILFPIKQPITVREGQTICVRFWRCSNSKKVWYEWAVTAPVCSAIHNPTGRS
YTIGL
;
A
2 'polypeptide(L)'
;MHHHHHHHHRKETPPPLVPPAAREWNLPPNAPACMERQLEAARYRSDGALLLGASSLSGRCWAGSLWLFKDPCAAPNEGF
CSAGVQTEAGVADLTWVGERGILVASDSGAVELWELDENETLIVSKFCKYEHDDIVSTVSVLSSGTQAVSGSKDICIKVW
DLAQQVVLSSYRAHAAQVTCVAASPHKDSVFLSCSEDNRILLWDTRCPKPASQIGCSAPGYLPTSLAWHPQQSEVFVFGD
ENGTVSLVDTKSTSCVLSSAVHSQCVTGLVFSPHSVPFLASLSEDCSLAVLDSSLSELFRSQAHRDFVRDATWSPLNHSL
LTTVGWDHQVVHHVVPTEPLPAPGPASVTE
;
B
#
# COMPACT_ATOMS: atom_id res chain seq x y z
N ARG A 21 -11.43 -13.28 -11.56
CA ARG A 21 -11.68 -11.85 -11.53
C ARG A 21 -11.04 -11.18 -10.32
N VAL A 22 -11.32 -9.90 -10.13
CA VAL A 22 -10.64 -9.10 -9.12
C VAL A 22 -11.23 -9.39 -7.74
N SER A 23 -10.35 -9.49 -6.75
CA SER A 23 -10.76 -9.52 -5.34
C SER A 23 -10.80 -8.09 -4.84
N SER A 24 -12.01 -7.57 -4.64
CA SER A 24 -12.24 -6.16 -4.40
C SER A 24 -12.77 -5.91 -2.99
N GLY A 25 -12.72 -4.64 -2.58
CA GLY A 25 -13.25 -4.23 -1.31
C GLY A 25 -13.80 -2.81 -1.40
N ARG A 26 -14.64 -2.47 -0.43
CA ARG A 26 -15.29 -1.17 -0.39
C ARG A 26 -14.92 -0.44 0.89
N ASP A 27 -14.41 0.78 0.76
CA ASP A 27 -14.05 1.61 1.90
C ASP A 27 -15.16 2.59 2.22
N LEU A 28 -15.55 2.67 3.49
CA LEU A 28 -16.58 3.59 3.94
C LEU A 28 -16.17 4.18 5.27
N ASN A 29 -16.46 5.47 5.44
CA ASN A 29 -16.32 6.15 6.72
C ASN A 29 -17.66 6.47 7.34
N CYS A 30 -18.75 5.95 6.79
CA CYS A 30 -20.10 6.16 7.31
C CYS A 30 -20.83 4.82 7.29
N VAL A 31 -21.13 4.29 8.47
CA VAL A 31 -21.87 3.03 8.59
C VAL A 31 -22.97 3.22 9.63
N PRO A 32 -24.19 3.60 9.22
CA PRO A 32 -25.27 3.79 10.20
C PRO A 32 -25.68 2.48 10.86
N GLU A 33 -25.87 1.43 10.06
CA GLU A 33 -26.20 0.11 10.56
C GLU A 33 -25.33 -0.90 9.84
N ILE A 34 -24.55 -1.66 10.60
CA ILE A 34 -23.48 -2.48 10.02
C ILE A 34 -24.06 -3.60 9.17
N ALA A 35 -25.18 -4.19 9.59
CA ALA A 35 -25.75 -5.31 8.84
C ALA A 35 -26.27 -4.85 7.48
N ASP A 36 -27.07 -3.79 7.45
CA ASP A 36 -27.56 -3.23 6.19
C ASP A 36 -26.41 -2.87 5.27
N THR A 37 -25.38 -2.23 5.81
CA THR A 37 -24.26 -1.77 5.00
C THR A 37 -23.50 -2.95 4.40
N LEU A 38 -23.21 -3.97 5.21
CA LEU A 38 -22.50 -5.13 4.69
C LEU A 38 -23.31 -5.86 3.63
N GLY A 39 -24.61 -6.01 3.87
CA GLY A 39 -25.46 -6.62 2.85
C GLY A 39 -25.48 -5.83 1.56
N ALA A 40 -25.50 -4.49 1.65
CA ALA A 40 -25.52 -3.66 0.46
C ALA A 40 -24.22 -3.80 -0.33
N VAL A 41 -23.07 -3.74 0.37
CA VAL A 41 -21.82 -3.86 -0.35
C VAL A 41 -21.63 -5.28 -0.89
N ALA A 42 -22.25 -6.28 -0.27
CA ALA A 42 -22.24 -7.61 -0.85
C ALA A 42 -23.06 -7.66 -2.14
N LYS A 43 -24.23 -7.01 -2.14
CA LYS A 43 -25.04 -6.96 -3.35
C LYS A 43 -24.32 -6.21 -4.46
N GLN A 44 -23.57 -5.17 -4.11
CA GLN A 44 -22.84 -4.42 -5.12
C GLN A 44 -21.72 -5.25 -5.76
N GLY A 45 -21.33 -6.36 -5.13
CA GLY A 45 -20.35 -7.27 -5.70
C GLY A 45 -19.00 -7.29 -5.01
N PHE A 46 -18.81 -6.48 -3.96
CA PHE A 46 -17.52 -6.45 -3.29
C PHE A 46 -17.30 -7.70 -2.44
N ASP A 47 -16.04 -7.99 -2.17
CA ASP A 47 -15.67 -9.16 -1.38
C ASP A 47 -15.39 -8.84 0.08
N PHE A 48 -15.10 -7.59 0.43
CA PHE A 48 -14.89 -7.22 1.82
C PHE A 48 -15.12 -5.73 1.99
N LEU A 49 -15.19 -5.32 3.26
CA LEU A 49 -15.55 -3.96 3.63
C LEU A 49 -14.56 -3.40 4.63
N CYS A 50 -14.09 -2.18 4.38
CA CYS A 50 -13.28 -1.42 5.32
C CYS A 50 -14.17 -0.39 5.99
N MET A 51 -14.16 -0.37 7.32
CA MET A 51 -15.08 0.46 8.09
C MET A 51 -14.44 0.78 9.42
N PRO A 52 -14.90 1.84 10.09
CA PRO A 52 -14.38 2.16 11.42
C PRO A 52 -15.03 1.30 12.50
N VAL A 53 -14.21 0.84 13.44
CA VAL A 53 -14.71 0.05 14.56
C VAL A 53 -15.24 0.94 15.69
N PHE A 54 -14.80 2.19 15.76
CA PHE A 54 -15.44 3.22 16.56
C PHE A 54 -15.88 4.32 15.62
N HIS A 55 -16.81 5.16 16.08
CA HIS A 55 -17.28 6.23 15.22
C HIS A 55 -16.14 7.20 14.95
N PRO A 56 -15.96 7.63 13.68
CA PRO A 56 -14.82 8.49 13.35
C PRO A 56 -14.77 9.79 14.13
N ARG A 57 -15.92 10.40 14.40
CA ARG A 57 -15.96 11.67 15.12
C ARG A 57 -16.04 11.49 16.63
N PHE A 58 -16.09 10.25 17.12
CA PHE A 58 -16.32 9.98 18.54
C PHE A 58 -14.99 9.98 19.29
N LYS A 59 -14.41 11.18 19.39
CA LYS A 59 -13.16 11.34 20.12
C LYS A 59 -13.36 10.99 21.59
N ARG A 60 -12.35 10.37 22.19
CA ARG A 60 -12.44 9.87 23.55
C ARG A 60 -11.26 10.36 24.37
N GLU A 61 -11.51 10.56 25.67
CA GLU A 61 -10.51 11.03 26.61
C GLU A 61 -10.12 9.90 27.56
N PHE A 62 -8.84 9.84 27.92
CA PHE A 62 -8.31 8.80 28.79
C PHE A 62 -7.60 9.32 30.03
N ILE A 63 -7.07 10.55 30.00
CA ILE A 63 -6.27 11.08 31.10
C ILE A 63 -7.11 12.01 31.97
N GLN A 64 -7.69 13.04 31.36
CA GLN A 64 -8.24 14.18 32.09
C GLN A 64 -9.73 13.99 32.34
N GLU A 65 -10.13 14.10 33.60
CA GLU A 65 -11.55 14.13 33.92
C GLU A 65 -12.13 15.50 33.57
N PRO A 66 -13.46 15.58 33.33
CA PRO A 66 -14.51 14.58 33.50
C PRO A 66 -14.75 13.64 32.32
N ALA A 67 -14.44 14.03 31.08
CA ALA A 67 -14.74 13.19 29.93
C ALA A 67 -14.10 11.81 30.03
N LYS A 68 -13.09 11.67 30.88
CA LYS A 68 -12.48 10.38 31.18
C LYS A 68 -13.53 9.32 31.50
N ASN A 69 -14.44 9.64 32.42
CA ASN A 69 -15.46 8.71 32.89
C ASN A 69 -16.73 8.73 32.05
N ARG A 70 -16.60 8.82 30.73
CA ARG A 70 -17.77 8.87 29.87
C ARG A 70 -18.55 7.56 29.96
N PRO A 71 -19.86 7.60 30.22
CA PRO A 71 -20.63 6.36 30.28
C PRO A 71 -20.65 5.64 28.94
N GLY A 72 -20.49 4.32 28.99
CA GLY A 72 -20.49 3.51 27.80
C GLY A 72 -21.88 3.29 27.23
N PRO A 73 -22.00 2.48 26.18
CA PRO A 73 -20.93 1.74 25.48
C PRO A 73 -20.06 2.66 24.62
N GLN A 74 -18.87 2.20 24.21
CA GLN A 74 -17.95 3.01 23.44
C GLN A 74 -18.04 2.76 21.94
N THR A 75 -18.70 1.69 21.52
CA THR A 75 -18.92 1.39 20.11
C THR A 75 -19.97 0.27 20.03
N ARG A 76 -20.12 -0.31 18.83
CA ARG A 76 -21.11 -1.36 18.62
C ARG A 76 -20.71 -2.63 19.35
N SER A 77 -21.66 -3.58 19.40
CA SER A 77 -21.41 -4.89 19.97
C SER A 77 -20.86 -5.84 18.90
N ASP A 78 -20.04 -6.79 19.35
CA ASP A 78 -19.48 -7.78 18.45
C ASP A 78 -20.49 -8.84 18.04
N LEU A 79 -21.66 -8.89 18.68
CA LEU A 79 -22.70 -9.84 18.32
C LEU A 79 -23.39 -9.50 17.01
N LEU A 80 -23.22 -8.27 16.50
CA LEU A 80 -23.93 -7.85 15.31
C LEU A 80 -23.54 -8.63 14.06
N LEU A 81 -22.34 -9.21 14.04
CA LEU A 81 -21.90 -10.08 12.95
C LEU A 81 -21.46 -11.41 13.52
N SER A 82 -21.41 -12.41 12.66
CA SER A 82 -20.87 -13.71 13.08
C SER A 82 -19.34 -13.65 13.10
N GLY A 83 -18.75 -14.52 13.92
CA GLY A 83 -17.30 -14.61 13.98
C GLY A 83 -16.66 -14.84 12.61
N ARG A 84 -17.32 -15.65 11.78
N ARG A 84 -17.33 -15.64 11.77
CA ARG A 84 -16.86 -15.84 10.40
CA ARG A 84 -16.83 -15.82 10.40
C ARG A 84 -16.86 -14.52 9.63
C ARG A 84 -16.86 -14.51 9.64
N ASP A 85 -17.91 -13.72 9.82
CA ASP A 85 -17.99 -12.43 9.14
C ASP A 85 -16.86 -11.50 9.58
N TRP A 86 -16.60 -11.43 10.89
CA TRP A 86 -15.48 -10.62 11.37
C TRP A 86 -14.16 -11.14 10.82
N ASN A 87 -13.99 -12.46 10.77
CA ASN A 87 -12.72 -13.03 10.33
C ASN A 87 -12.47 -12.77 8.85
N THR A 88 -13.53 -12.78 8.03
CA THR A 88 -13.33 -12.76 6.59
C THR A 88 -13.63 -11.44 5.91
N LEU A 89 -14.66 -10.71 6.35
CA LEU A 89 -15.23 -9.66 5.52
C LEU A 89 -14.93 -8.23 5.98
N ILE A 90 -14.49 -8.04 7.23
CA ILE A 90 -14.37 -6.71 7.81
C ILE A 90 -12.90 -6.35 7.95
N VAL A 91 -12.54 -5.15 7.49
CA VAL A 91 -11.20 -4.58 7.67
C VAL A 91 -11.35 -3.33 8.52
N GLY A 92 -10.66 -3.30 9.66
CA GLY A 92 -10.77 -2.18 10.56
C GLY A 92 -10.06 -0.94 10.04
N LYS A 93 -10.44 0.20 10.61
CA LYS A 93 -9.84 1.49 10.26
C LYS A 93 -9.57 2.27 11.53
N LEU A 94 -8.33 2.75 11.68
CA LEU A 94 -7.99 3.63 12.79
C LEU A 94 -8.76 4.93 12.68
N SER A 95 -9.36 5.37 13.77
CA SER A 95 -10.14 6.60 13.75
C SER A 95 -9.24 7.77 13.35
N PRO A 96 -9.71 8.67 12.49
CA PRO A 96 -8.82 9.73 11.95
C PRO A 96 -8.40 10.77 12.98
N TRP A 97 -9.03 10.81 14.15
CA TRP A 97 -8.67 11.79 15.16
C TRP A 97 -7.47 11.37 16.01
N ILE A 98 -6.98 10.15 15.81
CA ILE A 98 -5.87 9.61 16.62
C ILE A 98 -4.56 10.03 15.97
N ARG A 99 -3.79 10.86 16.69
CA ARG A 99 -2.54 11.42 16.19
C ARG A 99 -1.43 11.10 17.19
N PRO A 100 -0.80 9.92 17.07
CA PRO A 100 0.24 9.55 18.04
C PRO A 100 1.51 10.38 17.94
N ASP A 101 1.72 11.11 16.84
CA ASP A 101 2.92 11.92 16.66
C ASP A 101 2.61 13.40 16.67
N SER A 102 1.57 13.80 17.40
CA SER A 102 1.24 15.21 17.55
C SER A 102 2.38 15.95 18.27
N LYS A 103 2.54 17.23 17.94
CA LYS A 103 3.51 18.04 18.66
C LYS A 103 3.05 18.34 20.09
N VAL A 104 1.77 18.14 20.38
CA VAL A 104 1.22 18.39 21.72
C VAL A 104 1.35 17.13 22.55
N GLU A 105 1.91 17.27 23.75
CA GLU A 105 2.14 16.11 24.62
C GLU A 105 0.83 15.48 25.05
N LYS A 106 -0.18 16.30 25.38
CA LYS A 106 -1.48 15.79 25.79
C LYS A 106 -2.09 14.89 24.72
N ILE A 107 -2.20 15.42 23.50
CA ILE A 107 -2.73 14.67 22.37
C ILE A 107 -1.87 13.44 22.11
N ARG A 108 -0.55 13.56 22.29
CA ARG A 108 0.33 12.42 22.10
C ARG A 108 -0.07 11.25 23.00
N ARG A 109 -0.12 11.49 24.32
CA ARG A 109 -0.46 10.40 25.24
C ARG A 109 -1.87 9.88 24.99
N ASN A 110 -2.84 10.79 24.80
CA ASN A 110 -4.21 10.35 24.59
C ASN A 110 -4.34 9.51 23.33
N SER A 111 -3.60 9.86 22.27
CA SER A 111 -3.68 9.10 21.03
C SER A 111 -2.95 7.76 21.14
N GLU A 112 -1.86 7.72 21.91
CA GLU A 112 -1.27 6.42 22.25
C GLU A 112 -2.33 5.50 22.84
N ALA A 113 -3.02 5.97 23.87
CA ALA A 113 -4.03 5.14 24.53
C ALA A 113 -5.14 4.74 23.55
N ALA A 114 -5.60 5.69 22.74
CA ALA A 114 -6.72 5.41 21.83
C ALA A 114 -6.33 4.43 20.74
N MET A 115 -5.11 4.55 20.21
CA MET A 115 -4.64 3.62 19.20
C MET A 115 -4.50 2.22 19.76
N LEU A 116 -3.95 2.10 20.98
CA LEU A 116 -3.92 0.78 21.63
C LEU A 116 -5.33 0.23 21.78
N GLN A 117 -6.28 1.06 22.19
CA GLN A 117 -7.66 0.62 22.36
C GLN A 117 -8.23 0.06 21.06
N GLU A 118 -8.07 0.81 19.96
CA GLU A 118 -8.69 0.38 18.70
C GLU A 118 -7.99 -0.85 18.14
N LEU A 119 -6.66 -0.93 18.23
CA LEU A 119 -5.95 -2.11 17.77
C LEU A 119 -6.38 -3.34 18.57
N ASN A 120 -6.49 -3.20 19.89
CA ASN A 120 -6.89 -4.34 20.71
C ASN A 120 -8.32 -4.76 20.44
N PHE A 121 -9.21 -3.81 20.14
CA PHE A 121 -10.57 -4.19 19.80
C PHE A 121 -10.62 -4.91 18.46
N GLY A 122 -9.85 -4.43 17.48
CA GLY A 122 -9.76 -5.14 16.22
C GLY A 122 -9.23 -6.55 16.38
N ALA A 123 -8.27 -6.74 17.30
CA ALA A 123 -7.77 -8.08 17.57
C ALA A 123 -8.81 -8.93 18.29
N TYR A 124 -9.57 -8.32 19.20
CA TYR A 124 -10.66 -9.02 19.87
C TYR A 124 -11.72 -9.49 18.87
N LEU A 125 -11.93 -8.72 17.80
CA LEU A 125 -12.87 -9.13 16.75
C LEU A 125 -12.28 -10.18 15.82
N GLY A 126 -10.97 -10.35 15.81
CA GLY A 126 -10.35 -11.30 14.90
C GLY A 126 -10.35 -10.85 13.45
N LEU A 127 -10.21 -9.56 13.21
CA LEU A 127 -10.24 -9.04 11.85
C LEU A 127 -8.99 -9.47 11.09
N PRO A 128 -9.11 -9.73 9.79
CA PRO A 128 -7.93 -10.16 9.01
C PRO A 128 -6.96 -9.03 8.73
N ALA A 129 -7.38 -7.77 8.84
CA ALA A 129 -6.51 -6.65 8.55
C ALA A 129 -7.03 -5.42 9.27
N PHE A 130 -6.13 -4.43 9.44
CA PHE A 130 -6.46 -3.19 10.11
C PHE A 130 -5.66 -2.07 9.45
N LEU A 131 -6.34 -0.96 9.15
CA LEU A 131 -5.75 0.11 8.36
C LEU A 131 -5.27 1.24 9.25
N LEU A 132 -4.04 1.69 9.01
CA LEU A 132 -3.45 2.85 9.66
C LEU A 132 -2.81 3.74 8.60
N PRO A 133 -2.92 5.05 8.72
CA PRO A 133 -2.41 5.94 7.66
C PRO A 133 -1.02 6.47 7.91
N LEU A 134 -0.29 6.74 6.84
CA LEU A 134 0.98 7.46 6.88
C LEU A 134 0.79 8.75 6.10
N ASN A 135 0.65 9.86 6.82
CA ASN A 135 0.33 11.15 6.21
C ASN A 135 1.46 12.16 6.32
N GLN A 136 2.56 11.82 6.99
CA GLN A 136 3.65 12.77 7.19
C GLN A 136 4.96 12.00 7.29
N GLU A 137 6.05 12.75 7.48
CA GLU A 137 7.38 12.17 7.55
C GLU A 137 7.63 11.48 8.88
N ASP A 138 7.11 12.05 9.97
CA ASP A 138 7.39 11.58 11.33
C ASP A 138 6.21 10.74 11.81
N ASN A 139 6.38 9.41 11.80
CA ASN A 139 5.45 8.48 12.41
C ASN A 139 6.18 7.57 13.40
N THR A 140 7.08 8.17 14.18
CA THR A 140 7.95 7.39 15.06
C THR A 140 7.16 6.80 16.23
N ASN A 141 6.41 7.65 16.95
CA ASN A 141 5.65 7.16 18.10
C ASN A 141 4.54 6.22 17.65
N LEU A 142 3.93 6.48 16.50
CA LEU A 142 2.97 5.55 15.93
C LEU A 142 3.60 4.17 15.72
N ALA A 143 4.80 4.14 15.14
CA ALA A 143 5.51 2.88 14.94
C ALA A 143 5.86 2.22 16.27
N ARG A 144 6.21 3.00 17.28
CA ARG A 144 6.49 2.45 18.60
C ARG A 144 5.26 1.73 19.15
N VAL A 145 4.12 2.40 19.11
CA VAL A 145 2.89 1.80 19.64
C VAL A 145 2.52 0.55 18.85
N LEU A 146 2.62 0.61 17.52
CA LEU A 146 2.24 -0.53 16.69
C LEU A 146 3.16 -1.72 16.91
N THR A 147 4.47 -1.46 17.02
CA THR A 147 5.42 -2.54 17.28
C THR A 147 5.17 -3.18 18.63
N ASN A 148 4.92 -2.37 19.65
CA ASN A 148 4.53 -2.90 20.95
C ASN A 148 3.32 -3.81 20.81
N HIS A 149 2.23 -3.29 20.24
CA HIS A 149 1.01 -4.07 20.09
C HIS A 149 1.26 -5.38 19.35
N ILE A 150 2.10 -5.35 18.31
CA ILE A 150 2.46 -6.57 17.61
C ILE A 150 3.14 -7.55 18.56
N HIS A 151 4.07 -7.07 19.37
CA HIS A 151 4.86 -7.96 20.20
C HIS A 151 4.22 -8.31 21.52
N THR A 152 3.01 -7.82 21.82
CA THR A 152 2.35 -8.22 23.06
C THR A 152 1.48 -9.46 22.88
N GLY A 153 0.43 -9.36 22.07
CA GLY A 153 -0.64 -10.32 22.10
C GLY A 153 -0.31 -11.64 21.41
N HIS A 154 -1.25 -12.57 21.54
CA HIS A 154 -1.20 -13.87 20.87
C HIS A 154 -1.94 -13.87 19.54
N HIS A 155 -2.28 -12.70 19.00
CA HIS A 155 -3.14 -12.63 17.83
C HIS A 155 -2.38 -12.99 16.55
N SER A 156 -3.10 -12.98 15.43
CA SER A 156 -2.59 -13.34 14.12
C SER A 156 -3.01 -12.30 13.09
N SER A 157 -2.78 -11.04 13.42
CA SER A 157 -3.33 -9.92 12.66
C SER A 157 -2.42 -9.51 11.51
N MET A 158 -2.97 -8.68 10.63
CA MET A 158 -2.24 -8.04 9.54
C MET A 158 -2.55 -6.56 9.57
N PHE A 159 -1.55 -5.74 9.22
CA PHE A 159 -1.67 -4.28 9.31
C PHE A 159 -1.35 -3.66 7.97
N TRP A 160 -2.34 -3.01 7.36
CA TRP A 160 -2.19 -2.32 6.09
C TRP A 160 -1.91 -0.84 6.37
N MET A 161 -0.78 -0.35 5.87
CA MET A 161 -0.40 1.05 6.03
C MET A 161 -0.85 1.82 4.80
N ARG A 162 -1.77 2.75 4.99
CA ARG A 162 -2.28 3.57 3.89
C ARG A 162 -1.25 4.65 3.56
N VAL A 163 -0.62 4.54 2.40
CA VAL A 163 0.42 5.47 1.96
C VAL A 163 -0.03 6.07 0.63
N PRO A 164 -0.04 7.39 0.49
CA PRO A 164 -0.41 7.99 -0.81
C PRO A 164 0.74 7.90 -1.81
N LEU A 165 0.38 7.52 -3.04
CA LEU A 165 1.39 7.52 -4.11
C LEU A 165 1.96 8.90 -4.33
N VAL A 166 1.14 9.94 -4.14
CA VAL A 166 1.59 11.33 -4.14
C VAL A 166 1.03 12.00 -2.90
N ALA A 167 1.92 12.61 -2.11
CA ALA A 167 1.48 13.26 -0.88
C ALA A 167 0.45 14.35 -1.20
N PRO A 168 -0.57 14.51 -0.36
CA PRO A 168 -1.57 15.56 -0.63
C PRO A 168 -0.99 16.94 -0.80
N GLU A 169 0.12 17.24 -0.10
CA GLU A 169 0.74 18.55 -0.23
C GLU A 169 1.26 18.78 -1.64
N ASP A 170 1.76 17.72 -2.28
CA ASP A 170 2.26 17.80 -3.65
C ASP A 170 1.19 17.57 -4.69
N LEU A 171 -0.08 17.42 -4.27
CA LEU A 171 -1.19 17.20 -5.17
C LEU A 171 -2.22 18.30 -5.11
N ARG A 172 -2.02 19.31 -4.26
CA ARG A 172 -2.99 20.38 -4.08
C ARG A 172 -3.08 21.24 -5.34
N ASP A 173 -4.23 21.90 -5.49
CA ASP A 173 -4.40 22.86 -6.57
C ASP A 173 -3.61 24.13 -6.27
N ASP A 174 -2.97 24.68 -7.30
CA ASP A 174 -2.19 25.91 -7.15
C ASP A 174 -3.17 27.08 -7.13
N ILE A 175 -3.80 27.28 -5.97
CA ILE A 175 -4.80 28.32 -5.82
C ILE A 175 -4.50 29.15 -4.58
N ILE A 176 -3.34 28.95 -3.98
CA ILE A 176 -2.87 29.78 -2.89
C ILE A 176 -1.94 30.83 -3.51
N GLU A 177 -2.37 32.09 -3.45
CA GLU A 177 -1.66 33.15 -4.16
C GLU A 177 -0.26 33.36 -3.61
N ASN A 178 -0.10 33.27 -2.29
CA ASN A 178 1.18 33.57 -1.65
C ASN A 178 1.99 32.31 -1.31
N ALA A 179 1.48 31.12 -1.63
CA ALA A 179 2.21 29.87 -1.45
C ALA A 179 2.02 29.01 -2.67
N PRO A 180 2.71 29.32 -3.77
CA PRO A 180 2.52 28.57 -5.00
C PRO A 180 3.27 27.25 -5.01
N THR A 181 2.83 26.36 -5.89
CA THR A 181 3.47 25.05 -6.06
C THR A 181 4.74 25.22 -6.88
N THR A 182 5.87 24.78 -6.33
CA THR A 182 7.16 24.92 -7.00
C THR A 182 7.21 24.01 -8.22
N HIS A 183 7.21 24.62 -9.40
CA HIS A 183 7.26 23.87 -10.67
C HIS A 183 8.68 23.48 -11.06
N THR A 184 9.53 23.13 -10.09
CA THR A 184 10.93 22.83 -10.34
C THR A 184 11.20 21.35 -10.11
N GLU A 185 12.09 20.78 -10.93
CA GLU A 185 12.45 19.37 -10.87
C GLU A 185 12.96 18.98 -9.49
N GLU A 186 12.20 18.14 -8.80
CA GLU A 186 12.53 17.65 -7.46
C GLU A 186 12.51 16.13 -7.51
N TYR A 187 13.65 15.54 -7.86
CA TYR A 187 13.70 14.10 -8.07
C TYR A 187 13.45 13.32 -6.78
N SER A 188 14.17 13.66 -5.71
CA SER A 188 14.02 12.93 -4.45
C SER A 188 12.79 13.35 -3.67
N GLY A 189 12.36 14.61 -3.82
CA GLY A 189 11.17 15.07 -3.12
C GLY A 189 9.92 14.35 -3.58
N GLU A 190 9.78 14.13 -4.89
CA GLU A 190 8.65 13.40 -5.44
C GLU A 190 8.55 11.97 -4.93
N GLU A 191 9.61 11.45 -4.31
CA GLU A 191 9.59 10.10 -3.73
C GLU A 191 9.37 10.13 -2.23
N LYS A 192 9.13 11.31 -1.64
CA LYS A 192 9.08 11.43 -0.18
C LYS A 192 8.13 10.41 0.44
N THR A 193 7.00 10.17 -0.22
CA THR A 193 5.99 9.28 0.35
C THR A 193 6.59 7.89 0.62
N TRP A 194 7.34 7.35 -0.34
CA TRP A 194 8.00 6.07 -0.14
C TRP A 194 8.87 6.09 1.10
N MET A 195 9.71 7.13 1.23
CA MET A 195 10.58 7.25 2.40
C MET A 195 9.78 7.13 3.68
N TRP A 196 8.60 7.75 3.73
CA TRP A 196 7.70 7.61 4.87
C TRP A 196 7.60 6.15 5.23
N TRP A 197 6.99 5.36 4.33
CA TRP A 197 6.86 3.93 4.54
C TRP A 197 8.20 3.32 4.93
N HIS A 198 9.25 3.63 4.17
CA HIS A 198 10.53 2.98 4.39
C HIS A 198 11.05 3.22 5.81
N ASN A 199 10.80 4.41 6.36
CA ASN A 199 11.23 4.66 7.73
C ASN A 199 10.35 3.86 8.69
N PHE A 200 9.04 3.94 8.52
CA PHE A 200 8.11 3.18 9.36
C PHE A 200 8.43 1.70 9.31
N ARG A 201 8.45 1.14 8.10
CA ARG A 201 8.84 -0.26 7.90
C ARG A 201 10.14 -0.59 8.61
N THR A 202 11.10 0.35 8.59
CA THR A 202 12.39 0.09 9.24
C THR A 202 12.27 0.13 10.75
N LEU A 203 11.50 1.09 11.28
CA LEU A 203 11.37 1.21 12.73
C LEU A 203 10.75 -0.04 13.34
N CYS A 204 9.82 -0.65 12.63
CA CYS A 204 9.17 -1.88 13.09
C CYS A 204 9.97 -3.14 12.77
N ASP A 205 11.24 -2.99 12.39
CA ASP A 205 12.15 -4.12 12.18
C ASP A 205 11.64 -5.08 11.11
N TYR A 206 11.12 -4.53 10.01
CA TYR A 206 10.72 -5.30 8.84
C TYR A 206 9.69 -6.38 9.22
N SER A 207 8.69 -5.98 9.99
CA SER A 207 7.67 -6.92 10.44
C SER A 207 6.90 -7.49 9.26
N LYS A 208 6.66 -8.80 9.29
CA LYS A 208 5.93 -9.47 8.22
C LYS A 208 4.43 -9.20 8.28
N ARG A 209 3.93 -8.64 9.39
CA ARG A 209 2.52 -8.35 9.55
C ARG A 209 2.19 -6.90 9.21
N ILE A 210 3.11 -6.20 8.54
CA ILE A 210 2.92 -4.81 8.16
C ILE A 210 3.11 -4.70 6.65
N ALA A 211 2.04 -4.34 5.94
CA ALA A 211 2.10 -4.22 4.49
C ALA A 211 1.64 -2.83 4.05
N VAL A 212 1.49 -2.64 2.74
CA VAL A 212 1.19 -1.34 2.16
C VAL A 212 -0.18 -1.39 1.50
N ALA A 213 -1.00 -0.38 1.76
CA ALA A 213 -2.20 -0.09 0.99
C ALA A 213 -1.92 1.21 0.23
N LEU A 214 -1.56 1.09 -1.04
CA LEU A 214 -1.10 2.22 -1.82
C LEU A 214 -2.29 2.97 -2.40
N GLU A 215 -2.45 4.23 -1.99
CA GLU A 215 -3.55 5.06 -2.47
C GLU A 215 -3.11 5.86 -3.69
N ILE A 216 -4.01 5.97 -4.67
CA ILE A 216 -3.71 6.51 -5.98
C ILE A 216 -4.57 7.76 -6.21
N GLY A 217 -3.92 8.85 -6.62
CA GLY A 217 -4.60 10.11 -6.86
C GLY A 217 -4.91 10.33 -8.33
N ALA A 218 -5.48 11.51 -8.61
CA ALA A 218 -5.87 11.86 -9.98
C ALA A 218 -4.65 12.09 -10.86
N ASP A 219 -3.66 12.83 -10.36
CA ASP A 219 -2.44 13.08 -11.12
C ASP A 219 -1.40 12.03 -10.76
N LEU A 220 -0.98 11.25 -11.76
CA LEU A 220 0.06 10.24 -11.53
C LEU A 220 1.43 10.89 -11.61
N PRO A 221 2.37 10.48 -10.74
CA PRO A 221 3.69 11.11 -10.74
C PRO A 221 4.60 10.54 -11.82
N SER A 222 5.88 10.90 -11.76
CA SER A 222 6.86 10.39 -12.72
C SER A 222 6.99 8.88 -12.58
N ASN A 223 7.51 8.26 -13.64
CA ASN A 223 7.58 6.80 -13.66
C ASN A 223 8.51 6.25 -12.59
N HIS A 224 9.54 7.00 -12.20
CA HIS A 224 10.46 6.48 -11.19
C HIS A 224 9.80 6.45 -9.81
N VAL A 225 8.85 7.35 -9.55
CA VAL A 225 8.12 7.29 -8.28
C VAL A 225 7.27 6.04 -8.22
N ILE A 226 6.62 5.68 -9.33
CA ILE A 226 5.84 4.45 -9.38
C ILE A 226 6.77 3.23 -9.29
N ASP A 227 7.95 3.31 -9.91
CA ASP A 227 8.91 2.22 -9.79
C ASP A 227 9.48 2.09 -8.38
N ARG A 228 9.43 3.16 -7.58
CA ARG A 228 9.88 3.10 -6.21
C ARG A 228 9.08 2.11 -5.36
N TRP A 229 7.90 1.69 -5.83
CA TRP A 229 7.07 0.75 -5.10
C TRP A 229 7.16 -0.67 -5.64
N LEU A 230 8.12 -0.93 -6.53
CA LEU A 230 8.40 -2.30 -6.93
C LEU A 230 9.15 -3.01 -5.82
N GLY A 231 8.84 -4.29 -5.64
CA GLY A 231 9.44 -5.07 -4.57
C GLY A 231 8.87 -4.84 -3.20
N GLU A 232 7.89 -3.91 -3.05
CA GLU A 232 7.30 -3.60 -1.76
C GLU A 232 6.07 -4.46 -1.51
N PRO A 233 5.81 -4.81 -0.24
CA PRO A 233 4.67 -5.69 0.07
C PRO A 233 3.33 -4.99 -0.08
N ILE A 234 2.87 -4.80 -1.30
CA ILE A 234 1.60 -4.14 -1.56
C ILE A 234 0.50 -5.21 -1.50
N LYS A 235 -0.35 -5.13 -0.48
CA LYS A 235 -1.51 -6.00 -0.38
C LYS A 235 -2.77 -5.38 -0.96
N ALA A 236 -2.84 -4.04 -1.02
CA ALA A 236 -4.04 -3.38 -1.48
C ALA A 236 -3.67 -2.11 -2.24
N ALA A 237 -4.50 -1.79 -3.23
CA ALA A 237 -4.42 -0.54 -3.97
C ALA A 237 -5.76 0.18 -3.84
N ILE A 238 -5.72 1.45 -3.42
CA ILE A 238 -6.92 2.21 -3.11
C ILE A 238 -7.22 3.16 -4.26
N LEU A 239 -8.45 3.10 -4.75
CA LEU A 239 -8.93 3.94 -5.84
C LEU A 239 -10.07 4.81 -5.34
N PRO A 240 -9.91 6.13 -5.30
CA PRO A 240 -11.05 7.01 -5.07
C PRO A 240 -11.89 7.15 -6.33
N THR A 241 -13.20 7.32 -6.13
CA THR A 241 -14.10 7.54 -7.24
C THR A 241 -13.76 8.82 -8.01
N SER A 242 -12.95 9.71 -7.41
CA SER A 242 -12.58 10.96 -8.07
C SER A 242 -11.74 10.74 -9.32
N ILE A 243 -10.83 9.76 -9.29
CA ILE A 243 -9.89 9.57 -10.40
C ILE A 243 -10.52 8.94 -11.64
N PHE A 244 -11.84 8.74 -11.65
CA PHE A 244 -12.50 8.06 -12.77
C PHE A 244 -13.06 9.06 -13.77
N LEU A 245 -12.68 8.91 -15.03
CA LEU A 245 -13.23 9.72 -16.10
C LEU A 245 -14.59 9.16 -16.54
N THR A 246 -15.26 9.88 -17.43
CA THR A 246 -16.55 9.48 -17.96
C THR A 246 -16.48 9.41 -19.48
N ASN A 247 -17.10 8.38 -20.05
CA ASN A 247 -17.11 8.17 -21.48
C ASN A 247 -18.42 8.70 -22.06
N LYS A 248 -18.74 8.30 -23.30
CA LYS A 248 -19.93 8.83 -23.97
C LYS A 248 -21.20 8.41 -23.25
N LYS A 249 -21.32 7.12 -22.90
CA LYS A 249 -22.57 6.60 -22.37
C LYS A 249 -22.83 7.09 -20.95
N GLY A 250 -21.78 7.34 -20.17
CA GLY A 250 -21.90 7.73 -18.77
C GLY A 250 -21.22 6.80 -17.80
N PHE A 251 -20.65 5.69 -18.26
CA PHE A 251 -19.91 4.80 -17.39
C PHE A 251 -18.69 5.50 -16.80
N PRO A 252 -18.24 5.10 -15.61
CA PRO A 252 -16.95 5.57 -15.11
C PRO A 252 -15.82 4.69 -15.63
N VAL A 253 -14.76 5.35 -16.10
CA VAL A 253 -13.60 4.70 -16.69
C VAL A 253 -12.33 5.35 -16.16
N LEU A 254 -11.18 4.85 -16.59
CA LEU A 254 -9.89 5.36 -16.17
C LEU A 254 -9.06 5.73 -17.39
N SER A 255 -8.10 6.64 -17.17
CA SER A 255 -7.23 7.08 -18.25
C SER A 255 -6.28 5.96 -18.65
N LYS A 256 -5.48 6.21 -19.71
CA LYS A 256 -4.59 5.18 -20.21
C LYS A 256 -3.46 4.88 -19.22
N MET A 257 -2.89 5.92 -18.61
CA MET A 257 -1.81 5.69 -17.64
C MET A 257 -2.34 5.02 -16.38
N HIS A 258 -3.51 5.43 -15.92
CA HIS A 258 -4.14 4.73 -14.80
C HIS A 258 -4.39 3.27 -15.14
N GLN A 259 -4.78 2.98 -16.38
CA GLN A 259 -4.98 1.60 -16.79
C GLN A 259 -3.67 0.82 -16.78
N ARG A 260 -2.59 1.41 -17.28
CA ARG A 260 -1.28 0.77 -17.21
C ARG A 260 -0.92 0.43 -15.76
N LEU A 261 -1.13 1.39 -14.87
CA LEU A 261 -0.85 1.14 -13.45
C LEU A 261 -1.73 0.02 -12.91
N ILE A 262 -2.99 -0.02 -13.32
CA ILE A 262 -3.90 -1.05 -12.83
C ILE A 262 -3.44 -2.43 -13.29
N PHE A 263 -2.95 -2.54 -14.53
CA PHE A 263 -2.44 -3.83 -15.00
C PHE A 263 -1.19 -4.23 -14.22
N ARG A 264 -0.27 -3.28 -14.03
CA ARG A 264 0.92 -3.56 -13.23
C ARG A 264 0.54 -4.06 -11.84
N LEU A 265 -0.48 -3.47 -11.22
CA LEU A 265 -0.93 -3.91 -9.91
C LEU A 265 -1.60 -5.27 -9.97
N LEU A 266 -2.38 -5.53 -11.02
CA LEU A 266 -3.03 -6.83 -11.19
C LEU A 266 -2.02 -7.95 -11.27
N LYS A 267 -0.85 -7.70 -11.85
CA LYS A 267 0.17 -8.74 -11.86
C LYS A 267 0.75 -8.99 -10.47
N LEU A 268 0.74 -7.99 -9.60
CA LEU A 268 1.11 -8.19 -8.21
C LEU A 268 0.00 -8.81 -7.38
N GLU A 269 -1.17 -9.06 -7.99
CA GLU A 269 -2.27 -9.78 -7.34
C GLU A 269 -2.74 -9.06 -6.07
N VAL A 270 -2.76 -7.74 -6.12
CA VAL A 270 -3.22 -6.96 -4.97
C VAL A 270 -4.75 -6.97 -4.91
N GLN A 271 -5.28 -6.59 -3.76
CA GLN A 271 -6.71 -6.38 -3.60
C GLN A 271 -7.02 -4.90 -3.81
N PHE A 272 -8.11 -4.62 -4.52
CA PHE A 272 -8.48 -3.26 -4.88
C PHE A 272 -9.58 -2.77 -3.96
N ILE A 273 -9.40 -1.55 -3.43
CA ILE A 273 -10.33 -0.95 -2.47
C ILE A 273 -10.90 0.32 -3.08
N ILE A 274 -12.21 0.38 -3.24
CA ILE A 274 -12.88 1.56 -3.77
C ILE A 274 -13.26 2.45 -2.60
N THR A 275 -12.95 3.74 -2.72
CA THR A 275 -13.31 4.70 -1.69
C THR A 275 -13.95 5.93 -2.33
N GLY A 276 -14.75 6.63 -1.52
CA GLY A 276 -15.46 7.80 -1.97
C GLY A 276 -16.89 7.48 -2.42
N THR A 277 -17.69 8.53 -2.53
CA THR A 277 -19.09 8.38 -2.91
C THR A 277 -19.21 8.22 -4.43
N ASN A 278 -20.42 7.91 -4.87
CA ASN A 278 -20.72 7.73 -6.28
C ASN A 278 -21.05 9.09 -6.90
N HIS A 279 -20.20 9.56 -7.81
CA HIS A 279 -20.44 10.78 -8.55
C HIS A 279 -21.08 10.53 -9.91
N HIS A 280 -21.09 9.28 -10.37
CA HIS A 280 -21.81 8.90 -11.59
C HIS A 280 -23.19 8.41 -11.17
N SER A 281 -24.05 9.37 -10.83
CA SER A 281 -25.33 9.07 -10.18
C SER A 281 -26.31 8.34 -11.10
N GLU A 282 -26.11 8.42 -12.42
CA GLU A 282 -27.02 7.72 -13.32
C GLU A 282 -26.79 6.21 -13.27
N LYS A 283 -25.55 5.78 -13.11
CA LYS A 283 -25.20 4.37 -13.08
C LYS A 283 -25.27 3.85 -11.64
N GLU A 284 -25.05 2.55 -11.49
CA GLU A 284 -25.05 1.92 -10.18
C GLU A 284 -23.67 2.06 -9.53
N PHE A 285 -23.56 1.61 -8.28
CA PHE A 285 -22.27 1.64 -7.60
C PHE A 285 -21.39 0.47 -8.01
N CYS A 286 -21.96 -0.58 -8.59
CA CYS A 286 -21.17 -1.68 -9.10
C CYS A 286 -20.50 -1.36 -10.43
N SER A 287 -20.65 -0.13 -10.96
CA SER A 287 -20.04 0.23 -12.23
C SER A 287 -18.55 0.45 -12.08
N TYR A 288 -18.12 1.15 -11.03
CA TYR A 288 -16.70 1.30 -10.73
C TYR A 288 -16.02 -0.05 -10.67
N LEU A 289 -16.60 -0.98 -9.92
CA LEU A 289 -16.02 -2.32 -9.77
C LEU A 289 -16.10 -3.11 -11.07
N GLN A 290 -17.21 -2.98 -11.81
CA GLN A 290 -17.33 -3.65 -13.10
C GLN A 290 -16.23 -3.20 -14.06
N TYR A 291 -15.82 -1.94 -13.98
CA TYR A 291 -14.73 -1.49 -14.84
C TYR A 291 -13.42 -2.20 -14.50
N LEU A 292 -13.14 -2.39 -13.21
CA LEU A 292 -11.98 -3.17 -12.80
C LEU A 292 -12.08 -4.61 -13.30
N GLU A 293 -13.26 -5.22 -13.17
CA GLU A 293 -13.44 -6.58 -13.66
C GLU A 293 -13.24 -6.68 -15.16
N TYR A 294 -13.66 -5.64 -15.89
CA TYR A 294 -13.50 -5.59 -17.34
C TYR A 294 -12.03 -5.43 -17.72
N LEU A 295 -11.29 -4.61 -16.97
CA LEU A 295 -9.85 -4.52 -17.18
C LEU A 295 -9.16 -5.85 -16.91
N SER A 296 -9.62 -6.56 -15.87
CA SER A 296 -9.01 -7.83 -15.51
C SER A 296 -9.27 -8.91 -16.57
N GLN A 297 -10.54 -9.11 -16.92
CA GLN A 297 -10.86 -10.20 -17.84
C GLN A 297 -10.34 -9.93 -19.24
N ASN A 298 -10.24 -8.67 -19.64
CA ASN A 298 -9.70 -8.31 -20.95
C ASN A 298 -8.23 -7.89 -20.82
N ARG A 299 -7.42 -8.82 -20.31
CA ARG A 299 -5.98 -8.76 -20.29
C ARG A 299 -5.44 -10.00 -21.00
N PRO A 300 -4.19 -9.97 -21.47
CA PRO A 300 -3.64 -11.13 -22.19
C PRO A 300 -3.74 -12.40 -21.36
N PRO A 301 -4.56 -13.36 -21.81
CA PRO A 301 -4.76 -14.56 -21.00
C PRO A 301 -3.48 -15.34 -20.84
N PRO A 302 -3.36 -16.14 -19.78
CA PRO A 302 -2.05 -16.64 -19.37
C PRO A 302 -1.49 -17.67 -20.34
N ASN A 303 -0.20 -17.54 -20.61
CA ASN A 303 0.52 -18.51 -21.41
C ASN A 303 1.02 -19.65 -20.52
N ALA A 304 1.59 -20.67 -21.17
CA ALA A 304 1.94 -21.91 -20.47
C ALA A 304 2.92 -21.66 -19.33
N TYR A 305 3.97 -20.89 -19.59
CA TYR A 305 4.98 -20.61 -18.57
C TYR A 305 4.34 -19.97 -17.34
N GLU A 306 3.63 -18.85 -17.54
CA GLU A 306 3.02 -18.15 -16.42
C GLU A 306 1.99 -19.02 -15.72
N LEU A 307 1.28 -19.86 -16.48
CA LEU A 307 0.36 -20.82 -15.87
C LEU A 307 1.08 -21.74 -14.89
N PHE A 308 2.21 -22.30 -15.32
CA PHE A 308 2.96 -23.21 -14.48
C PHE A 308 3.58 -22.49 -13.28
N ALA A 309 4.17 -21.32 -13.50
CA ALA A 309 4.92 -20.63 -12.47
C ALA A 309 4.08 -19.64 -11.67
N LYS A 310 2.76 -19.58 -11.90
CA LYS A 310 1.91 -18.68 -11.13
C LYS A 310 1.97 -18.99 -9.63
N GLY A 311 1.91 -20.28 -9.28
CA GLY A 311 1.96 -20.67 -7.88
C GLY A 311 3.35 -20.64 -7.27
N TYR A 312 4.40 -20.67 -8.10
CA TYR A 312 5.78 -20.66 -7.63
C TYR A 312 6.31 -19.26 -7.35
N GLU A 313 5.51 -18.21 -7.58
CA GLU A 313 6.03 -16.85 -7.54
C GLU A 313 6.52 -16.48 -6.16
N ASP A 314 7.77 -16.02 -6.10
CA ASP A 314 8.45 -15.62 -4.87
C ASP A 314 8.45 -16.73 -3.83
N TYR A 315 8.56 -17.98 -4.27
CA TYR A 315 8.64 -19.13 -3.38
C TYR A 315 10.10 -19.58 -3.30
N LEU A 316 10.69 -19.44 -2.11
CA LEU A 316 12.10 -19.78 -1.90
C LEU A 316 12.27 -21.29 -1.84
N GLN A 317 13.21 -21.80 -2.63
CA GLN A 317 13.59 -23.20 -2.62
C GLN A 317 15.11 -23.32 -2.58
N SER A 318 15.60 -24.28 -1.80
CA SER A 318 17.03 -24.56 -1.80
C SER A 318 17.41 -25.20 -3.13
N PRO A 319 18.58 -24.87 -3.67
CA PRO A 319 18.97 -25.43 -4.97
C PRO A 319 19.20 -26.93 -4.90
N LEU A 320 18.87 -27.60 -6.00
CA LEU A 320 19.13 -29.02 -6.12
C LEU A 320 20.63 -29.28 -6.28
N GLN A 321 21.07 -30.45 -5.82
CA GLN A 321 22.44 -30.91 -6.01
C GLN A 321 22.37 -32.34 -6.55
N PRO A 322 22.12 -32.49 -7.85
CA PRO A 322 22.00 -33.84 -8.42
C PRO A 322 23.25 -34.67 -8.29
N LEU A 323 24.41 -34.04 -8.05
CA LEU A 323 25.64 -34.80 -7.83
C LEU A 323 25.69 -35.36 -6.41
N MET A 324 25.33 -34.53 -5.43
CA MET A 324 25.36 -34.95 -4.03
C MET A 324 24.17 -35.85 -3.69
N ASP A 325 23.01 -35.58 -4.27
CA ASP A 325 21.78 -36.28 -3.96
C ASP A 325 21.19 -36.90 -5.22
N ASN A 326 20.46 -37.99 -5.04
CA ASN A 326 19.75 -38.65 -6.14
C ASN A 326 18.35 -38.06 -6.24
N LEU A 327 18.06 -37.42 -7.38
CA LEU A 327 16.80 -36.73 -7.55
C LEU A 327 15.64 -37.71 -7.61
N GLU A 328 14.49 -37.27 -7.08
CA GLU A 328 13.30 -38.10 -7.06
C GLU A 328 12.66 -38.17 -8.45
N SER A 329 11.73 -39.11 -8.59
CA SER A 329 11.12 -39.37 -9.90
C SER A 329 10.40 -38.15 -10.44
N GLN A 330 9.66 -37.44 -9.59
CA GLN A 330 8.86 -36.31 -10.06
C GLN A 330 9.70 -35.07 -10.36
N THR A 331 10.86 -34.94 -9.74
CA THR A 331 11.79 -33.89 -10.16
C THR A 331 12.23 -34.11 -11.61
N TYR A 332 12.61 -35.34 -11.95
CA TYR A 332 12.89 -35.67 -13.33
C TYR A 332 11.67 -35.47 -14.21
N GLU A 333 10.48 -35.77 -13.69
CA GLU A 333 9.26 -35.57 -14.46
C GLU A 333 9.08 -34.09 -14.81
N VAL A 334 9.37 -33.20 -13.86
CA VAL A 334 9.37 -31.78 -14.14
C VAL A 334 10.40 -31.44 -15.21
N PHE A 335 11.60 -32.02 -15.08
CA PHE A 335 12.66 -31.74 -16.05
C PHE A 335 12.25 -32.15 -17.46
N GLU A 336 11.53 -33.25 -17.60
CA GLU A 336 11.23 -33.81 -18.91
C GLU A 336 10.06 -33.11 -19.60
N LYS A 337 9.13 -32.55 -18.83
CA LYS A 337 7.98 -31.85 -19.39
C LYS A 337 8.40 -30.43 -19.79
N ASP A 338 9.25 -30.36 -20.82
CA ASP A 338 9.77 -29.10 -21.33
C ASP A 338 10.20 -29.29 -22.78
N PRO A 339 9.29 -29.07 -23.74
CA PRO A 339 9.61 -29.45 -25.13
C PRO A 339 10.63 -28.54 -25.80
N ILE A 340 10.59 -27.22 -25.56
CA ILE A 340 11.48 -26.29 -26.24
C ILE A 340 12.94 -26.66 -25.98
N LYS A 341 13.26 -27.01 -24.74
CA LYS A 341 14.63 -27.31 -24.35
C LYS A 341 15.18 -28.52 -25.10
N TYR A 342 14.42 -29.62 -25.13
CA TYR A 342 14.90 -30.81 -25.82
C TYR A 342 14.85 -30.64 -27.33
N SER A 343 13.96 -29.79 -27.84
CA SER A 343 14.02 -29.41 -29.25
C SER A 343 15.35 -28.75 -29.58
N GLN A 344 15.79 -27.83 -28.72
CA GLN A 344 17.07 -27.18 -28.94
C GLN A 344 18.22 -28.18 -28.87
N TYR A 345 18.18 -29.10 -27.91
CA TYR A 345 19.22 -30.12 -27.82
C TYR A 345 19.25 -30.99 -29.07
N GLN A 346 18.08 -31.43 -29.55
CA GLN A 346 18.00 -32.22 -30.76
C GLN A 346 18.57 -31.46 -31.95
N GLN A 347 18.25 -30.17 -32.08
CA GLN A 347 18.77 -29.37 -33.18
C GLN A 347 20.30 -29.27 -33.12
N ALA A 348 20.85 -29.05 -31.92
CA ALA A 348 22.30 -28.95 -31.76
C ALA A 348 22.97 -30.27 -32.17
N ILE A 349 22.44 -31.39 -31.69
CA ILE A 349 23.02 -32.68 -32.04
C ILE A 349 22.92 -32.90 -33.55
N TYR A 350 21.78 -32.55 -34.15
CA TYR A 350 21.59 -32.69 -35.59
C TYR A 350 22.66 -31.94 -36.37
N LYS A 351 22.86 -30.65 -36.03
CA LYS A 351 23.88 -29.86 -36.73
C LYS A 351 25.27 -30.45 -36.52
N CYS A 352 25.58 -30.90 -35.30
CA CYS A 352 26.91 -31.46 -35.03
C CYS A 352 27.15 -32.73 -35.84
N LEU A 353 26.14 -33.61 -35.90
CA LEU A 353 26.23 -34.81 -36.71
C LEU A 353 26.53 -34.46 -38.17
N LEU A 354 25.79 -33.50 -38.71
CA LEU A 354 26.03 -33.14 -40.11
C LEU A 354 27.43 -32.55 -40.29
N ASP A 355 27.91 -31.81 -39.31
CA ASP A 355 29.22 -31.17 -39.44
C ASP A 355 30.38 -32.13 -39.21
N ARG A 356 30.14 -33.31 -38.63
CA ARG A 356 31.22 -34.26 -38.41
C ARG A 356 31.25 -35.40 -39.42
N VAL A 357 30.11 -35.76 -40.02
CA VAL A 357 30.08 -36.89 -40.96
C VAL A 357 29.62 -36.40 -42.33
N PRO A 358 30.50 -36.42 -43.33
CA PRO A 358 30.08 -36.03 -44.68
C PRO A 358 29.05 -36.99 -45.25
N GLU A 359 28.33 -36.50 -46.27
CA GLU A 359 27.23 -37.27 -46.85
C GLU A 359 27.72 -38.60 -47.43
N GLU A 360 28.93 -38.65 -47.99
CA GLU A 360 29.42 -39.89 -48.57
C GLU A 360 29.81 -40.91 -47.50
N GLU A 361 30.08 -40.48 -46.27
CA GLU A 361 30.46 -41.37 -45.19
C GLU A 361 29.27 -41.77 -44.31
N LYS A 362 28.05 -41.51 -44.76
CA LYS A 362 26.89 -41.63 -43.86
C LYS A 362 26.72 -43.06 -43.34
N ASP A 363 27.06 -44.06 -44.16
CA ASP A 363 26.94 -45.46 -43.74
C ASP A 363 28.25 -46.05 -43.26
N THR A 364 29.38 -45.52 -43.70
CA THR A 364 30.69 -46.02 -43.28
C THR A 364 31.16 -45.42 -41.96
N ASN A 365 30.47 -44.41 -41.45
CA ASN A 365 30.89 -43.69 -40.25
C ASN A 365 29.73 -43.66 -39.26
N VAL A 366 29.92 -44.28 -38.11
CA VAL A 366 28.92 -44.30 -37.03
C VAL A 366 29.51 -43.55 -35.85
N GLN A 367 28.82 -42.49 -35.42
CA GLN A 367 29.33 -41.62 -34.38
C GLN A 367 29.07 -42.19 -33.00
N VAL A 368 30.02 -42.00 -32.08
CA VAL A 368 29.86 -42.42 -30.70
C VAL A 368 29.44 -41.20 -29.87
N LEU A 369 28.37 -41.38 -29.10
CA LEU A 369 27.60 -40.28 -28.52
C LEU A 369 27.21 -40.68 -27.10
N MET A 370 27.77 -40.00 -26.11
CA MET A 370 27.58 -40.35 -24.71
C MET A 370 26.78 -39.25 -24.01
N VAL A 371 25.64 -39.63 -23.45
CA VAL A 371 24.84 -38.73 -22.62
C VAL A 371 25.33 -38.88 -21.19
N LEU A 372 25.98 -37.84 -20.67
CA LEU A 372 26.57 -37.84 -19.34
C LEU A 372 25.58 -37.16 -18.40
N GLY A 373 24.94 -37.95 -17.53
CA GLY A 373 23.86 -37.46 -16.71
C GLY A 373 22.54 -37.61 -17.45
N ALA A 374 22.12 -38.85 -17.68
CA ALA A 374 21.02 -39.14 -18.59
C ALA A 374 19.65 -39.10 -17.94
N GLY A 375 19.57 -39.21 -16.61
CA GLY A 375 18.28 -39.18 -15.95
C GLY A 375 17.42 -40.36 -16.36
N ARG A 376 16.18 -40.08 -16.77
CA ARG A 376 15.27 -41.09 -17.27
C ARG A 376 15.28 -41.20 -18.79
N GLY A 377 16.27 -40.59 -19.44
CA GLY A 377 16.52 -40.75 -20.85
C GLY A 377 15.77 -39.87 -21.83
N PRO A 378 15.60 -38.57 -21.53
CA PRO A 378 15.04 -37.67 -22.55
C PRO A 378 16.09 -37.27 -23.57
N LEU A 379 17.32 -37.05 -23.10
CA LEU A 379 18.41 -36.75 -24.02
C LEU A 379 18.73 -37.93 -24.93
N VAL A 380 18.50 -39.15 -24.46
CA VAL A 380 18.72 -40.32 -25.30
C VAL A 380 17.72 -40.35 -26.45
N ASN A 381 16.43 -40.16 -26.14
CA ASN A 381 15.42 -40.09 -27.19
C ASN A 381 15.67 -38.93 -28.13
N ALA A 382 16.15 -37.79 -27.59
CA ALA A 382 16.46 -36.65 -28.43
C ALA A 382 17.62 -36.95 -29.37
N SER A 383 18.64 -37.67 -28.87
CA SER A 383 19.75 -38.07 -29.72
C SER A 383 19.29 -39.03 -30.81
N LEU A 384 18.42 -39.97 -30.45
CA LEU A 384 17.85 -40.88 -31.46
C LEU A 384 17.11 -40.10 -32.53
N ARG A 385 16.28 -39.15 -32.12
CA ARG A 385 15.55 -38.34 -33.11
C ARG A 385 16.51 -37.53 -33.97
N ALA A 386 17.58 -37.00 -33.37
CA ALA A 386 18.54 -36.21 -34.13
C ALA A 386 19.23 -37.07 -35.19
N ALA A 387 19.65 -38.28 -34.81
CA ALA A 387 20.30 -39.15 -35.80
C ALA A 387 19.32 -39.58 -36.88
N LYS A 388 18.09 -39.92 -36.50
CA LYS A 388 17.09 -40.33 -37.48
C LYS A 388 16.72 -39.17 -38.41
N GLN A 389 16.80 -37.94 -37.93
CA GLN A 389 16.48 -36.77 -38.72
C GLN A 389 17.63 -36.35 -39.63
N ALA A 390 18.88 -36.59 -39.21
CA ALA A 390 20.06 -36.20 -39.97
C ALA A 390 20.58 -37.30 -40.87
N ASP A 391 19.99 -38.50 -40.82
CA ASP A 391 20.41 -39.64 -41.64
C ASP A 391 21.89 -39.97 -41.41
N ARG A 392 22.22 -40.23 -40.15
CA ARG A 392 23.56 -40.64 -39.73
C ARG A 392 23.45 -41.72 -38.66
N ARG A 393 24.48 -42.55 -38.56
CA ARG A 393 24.51 -43.60 -37.56
C ARG A 393 25.12 -43.09 -36.26
N ILE A 394 24.57 -43.54 -35.13
CA ILE A 394 25.10 -43.20 -33.82
C ILE A 394 25.08 -44.44 -32.94
N LYS A 395 26.06 -44.53 -32.05
CA LYS A 395 26.09 -45.51 -30.98
C LYS A 395 25.98 -44.76 -29.66
N LEU A 396 24.98 -45.12 -28.86
CA LEU A 396 24.60 -44.35 -27.69
C LEU A 396 25.09 -45.00 -26.41
N TYR A 397 25.68 -44.20 -25.53
CA TYR A 397 25.90 -44.55 -24.13
C TYR A 397 25.03 -43.65 -23.26
N ALA A 398 24.44 -44.22 -22.23
CA ALA A 398 23.59 -43.49 -21.29
C ALA A 398 24.21 -43.63 -19.91
N VAL A 399 25.06 -42.67 -19.55
CA VAL A 399 25.75 -42.69 -18.27
C VAL A 399 24.90 -41.95 -17.25
N GLU A 400 24.65 -42.59 -16.11
CA GLU A 400 23.83 -42.00 -15.06
C GLU A 400 24.22 -42.62 -13.73
N LYS A 401 24.51 -41.79 -12.73
CA LYS A 401 24.95 -42.30 -11.44
C LYS A 401 23.78 -42.66 -10.54
N ASN A 402 22.64 -42.03 -10.71
CA ASN A 402 21.46 -42.29 -9.89
C ASN A 402 20.88 -43.65 -10.25
N PRO A 403 21.02 -44.68 -9.41
CA PRO A 403 20.55 -46.01 -9.79
C PRO A 403 19.04 -46.10 -9.92
N ASN A 404 18.30 -45.27 -9.18
CA ASN A 404 16.84 -45.27 -9.26
C ASN A 404 16.37 -44.87 -10.65
N ALA A 405 17.05 -43.89 -11.27
CA ALA A 405 16.77 -43.54 -12.66
C ALA A 405 17.41 -44.51 -13.64
N VAL A 406 18.49 -45.19 -13.24
CA VAL A 406 19.06 -46.23 -14.07
C VAL A 406 18.07 -47.37 -14.24
N VAL A 407 17.22 -47.59 -13.24
CA VAL A 407 16.14 -48.56 -13.38
C VAL A 407 15.24 -48.20 -14.56
N THR A 408 14.80 -46.94 -14.60
CA THR A 408 13.99 -46.46 -15.72
C THR A 408 14.74 -46.59 -17.04
N LEU A 409 16.02 -46.20 -17.05
CA LEU A 409 16.83 -46.29 -18.26
C LEU A 409 16.89 -47.73 -18.77
N GLU A 410 17.10 -48.69 -17.88
CA GLU A 410 17.24 -50.08 -18.31
C GLU A 410 15.92 -50.70 -18.73
N ASN A 411 14.81 -50.30 -18.10
CA ASN A 411 13.51 -50.73 -18.62
C ASN A 411 13.29 -50.18 -20.03
N TRP A 412 13.62 -48.90 -20.23
CA TRP A 412 13.55 -48.32 -21.58
C TRP A 412 14.41 -49.11 -22.57
N GLN A 413 15.64 -49.44 -22.15
CA GLN A 413 16.59 -50.10 -23.05
C GLN A 413 16.11 -51.50 -23.42
N PHE A 414 15.62 -52.26 -22.45
CA PHE A 414 15.11 -53.59 -22.74
C PHE A 414 13.87 -53.52 -23.62
N GLU A 415 12.94 -52.61 -23.32
CA GLU A 415 11.65 -52.65 -24.01
C GLU A 415 11.71 -52.00 -25.39
N GLU A 416 12.38 -50.86 -25.53
CA GLU A 416 12.26 -50.05 -26.73
C GLU A 416 13.57 -49.75 -27.44
N TRP A 417 14.63 -49.40 -26.71
CA TRP A 417 15.84 -48.92 -27.37
C TRP A 417 16.61 -50.05 -28.05
N GLY A 418 16.82 -51.15 -27.35
CA GLY A 418 17.64 -52.22 -27.87
C GLY A 418 19.11 -51.97 -27.62
N SER A 419 19.94 -52.89 -28.12
CA SER A 419 21.37 -52.85 -27.88
C SER A 419 22.04 -51.61 -28.47
N GLN A 420 21.31 -50.78 -29.20
CA GLN A 420 21.88 -49.53 -29.71
C GLN A 420 22.34 -48.65 -28.55
N VAL A 421 21.61 -48.65 -27.45
CA VAL A 421 21.95 -47.87 -26.27
C VAL A 421 22.61 -48.77 -25.26
N THR A 422 23.74 -48.32 -24.71
CA THR A 422 24.46 -49.02 -23.65
C THR A 422 24.31 -48.20 -22.38
N VAL A 423 23.57 -48.72 -21.41
CA VAL A 423 23.32 -47.99 -20.17
C VAL A 423 24.48 -48.24 -19.21
N VAL A 424 25.11 -47.17 -18.75
CA VAL A 424 26.23 -47.22 -17.81
C VAL A 424 25.77 -46.59 -16.52
N SER A 425 25.88 -47.34 -15.43
CA SER A 425 25.43 -46.89 -14.11
C SER A 425 26.66 -46.61 -13.25
N SER A 426 27.24 -45.43 -13.44
CA SER A 426 28.42 -45.03 -12.68
C SER A 426 28.62 -43.52 -12.83
N ASP A 427 29.59 -43.01 -12.08
CA ASP A 427 29.96 -41.61 -12.16
C ASP A 427 30.82 -41.37 -13.40
N MET A 428 30.52 -40.27 -14.10
CA MET A 428 31.28 -39.96 -15.31
C MET A 428 32.73 -39.62 -14.99
N ARG A 429 33.01 -39.16 -13.77
CA ARG A 429 34.40 -38.93 -13.37
C ARG A 429 35.14 -40.24 -13.15
N GLU A 430 34.42 -41.29 -12.74
CA GLU A 430 35.01 -42.58 -12.43
C GLU A 430 35.06 -43.52 -13.64
N TRP A 431 33.97 -43.55 -14.41
CA TRP A 431 33.76 -44.56 -15.45
C TRP A 431 34.96 -44.68 -16.37
N VAL A 432 35.42 -45.92 -16.57
CA VAL A 432 36.51 -46.20 -17.49
C VAL A 432 35.84 -46.73 -18.77
N ALA A 433 35.64 -45.85 -19.73
CA ALA A 433 34.87 -46.20 -20.90
C ALA A 433 35.68 -47.12 -21.82
N PRO A 434 35.01 -47.95 -22.62
CA PRO A 434 35.77 -48.79 -23.56
C PRO A 434 36.33 -48.02 -24.73
N GLU A 435 35.56 -47.09 -25.30
CA GLU A 435 36.00 -46.30 -26.44
C GLU A 435 35.79 -44.83 -26.13
N LYS A 436 36.49 -43.99 -26.89
CA LYS A 436 36.33 -42.55 -26.71
C LYS A 436 35.15 -42.06 -27.53
N ALA A 437 34.62 -40.89 -27.15
CA ALA A 437 33.37 -40.39 -27.67
C ALA A 437 33.59 -39.30 -28.72
N ASP A 438 32.75 -39.31 -29.76
CA ASP A 438 32.69 -38.20 -30.69
C ASP A 438 31.99 -37.01 -30.05
N ILE A 439 30.82 -37.24 -29.45
CA ILE A 439 30.04 -36.17 -28.85
C ILE A 439 29.63 -36.59 -27.44
N ILE A 440 29.86 -35.71 -26.47
CA ILE A 440 29.33 -35.85 -25.11
C ILE A 440 28.24 -34.81 -24.94
N VAL A 441 27.12 -35.22 -24.34
CA VAL A 441 25.95 -34.36 -24.20
C VAL A 441 25.51 -34.37 -22.73
N SER A 442 25.32 -33.18 -22.17
CA SER A 442 24.97 -33.05 -20.77
C SER A 442 23.96 -31.92 -20.58
N GLU A 443 23.25 -31.98 -19.46
CA GLU A 443 22.40 -30.89 -18.98
C GLU A 443 22.58 -30.71 -17.49
N LEU A 444 23.84 -30.73 -17.03
CA LEU A 444 24.20 -30.57 -15.62
C LEU A 444 24.16 -29.11 -15.16
N LEU A 445 23.50 -28.23 -15.92
CA LEU A 445 23.49 -26.81 -15.62
C LEU A 445 22.44 -26.49 -14.57
N GLY A 446 22.81 -25.61 -13.64
CA GLY A 446 21.86 -25.07 -12.68
C GLY A 446 21.39 -23.68 -13.09
N SER A 447 20.61 -23.08 -12.19
CA SER A 447 20.12 -21.72 -12.44
C SER A 447 21.26 -20.73 -12.56
N PHE A 448 22.40 -21.01 -11.90
CA PHE A 448 23.59 -20.17 -11.97
C PHE A 448 24.66 -20.81 -12.84
N ALA A 449 24.24 -21.58 -13.85
CA ALA A 449 25.10 -22.30 -14.77
C ALA A 449 25.93 -23.36 -14.05
N ASP A 450 26.99 -22.96 -13.36
CA ASP A 450 27.96 -23.89 -12.78
C ASP A 450 27.63 -24.29 -11.36
N ASN A 451 26.50 -23.84 -10.81
CA ASN A 451 26.22 -24.07 -9.40
C ASN A 451 25.85 -25.51 -9.07
N GLU A 452 25.85 -26.41 -10.05
CA GLU A 452 25.68 -27.84 -9.80
C GLU A 452 26.90 -28.64 -10.25
N LEU A 453 28.02 -27.95 -10.44
CA LEU A 453 29.33 -28.57 -10.65
C LEU A 453 29.42 -29.29 -11.99
N SER A 454 28.70 -28.81 -13.00
CA SER A 454 28.92 -29.27 -14.36
C SER A 454 30.38 -29.16 -14.81
N PRO A 455 31.12 -28.08 -14.50
CA PRO A 455 32.53 -28.03 -14.93
C PRO A 455 33.36 -29.19 -14.40
N GLU A 456 33.25 -29.51 -13.11
CA GLU A 456 34.07 -30.58 -12.54
C GLU A 456 33.71 -31.93 -13.14
N CYS A 457 32.43 -32.20 -13.33
CA CYS A 457 32.02 -33.47 -13.92
C CYS A 457 32.53 -33.61 -15.35
N LEU A 458 32.36 -32.57 -16.16
CA LEU A 458 32.85 -32.67 -17.54
C LEU A 458 34.38 -32.70 -17.59
N ASP A 459 35.05 -32.06 -16.63
CA ASP A 459 36.50 -32.19 -16.52
C ASP A 459 36.90 -33.64 -16.28
N GLY A 460 36.25 -34.29 -15.32
CA GLY A 460 36.50 -35.69 -15.07
C GLY A 460 36.10 -36.60 -16.21
N ALA A 461 35.19 -36.16 -17.07
CA ALA A 461 34.76 -36.95 -18.21
C ALA A 461 35.54 -36.66 -19.49
N GLN A 462 36.39 -35.64 -19.48
CA GLN A 462 37.10 -35.24 -20.70
C GLN A 462 38.07 -36.31 -21.22
N HIS A 463 38.46 -37.28 -20.39
CA HIS A 463 39.50 -38.20 -20.84
C HIS A 463 39.00 -39.26 -21.81
N PHE A 464 37.69 -39.53 -21.84
CA PHE A 464 37.13 -40.41 -22.85
C PHE A 464 36.44 -39.64 -23.98
N LEU A 465 36.82 -38.37 -24.17
CA LEU A 465 36.42 -37.59 -25.33
C LEU A 465 37.55 -37.61 -26.35
N LYS A 466 37.21 -37.83 -27.61
CA LYS A 466 38.22 -37.92 -28.64
C LYS A 466 38.98 -36.60 -28.77
N ASP A 467 40.18 -36.67 -29.34
CA ASP A 467 41.03 -35.49 -29.47
C ASP A 467 40.34 -34.34 -30.20
N ASP A 468 39.35 -34.63 -31.04
CA ASP A 468 38.59 -33.60 -31.76
C ASP A 468 37.10 -33.65 -31.40
N GLY A 469 36.79 -34.10 -30.19
CA GLY A 469 35.41 -34.30 -29.81
C GLY A 469 34.68 -33.03 -29.46
N VAL A 470 33.36 -33.12 -29.43
CA VAL A 470 32.47 -32.00 -29.15
C VAL A 470 31.74 -32.24 -27.84
N SER A 471 31.57 -31.19 -27.07
CA SER A 471 30.75 -31.20 -25.85
C SER A 471 29.54 -30.30 -26.07
N ILE A 472 28.36 -30.86 -25.82
CA ILE A 472 27.09 -30.14 -25.87
C ILE A 472 26.52 -30.11 -24.45
N PRO A 473 26.45 -28.96 -23.79
CA PRO A 473 26.82 -27.63 -24.30
C PRO A 473 28.32 -27.40 -24.39
N GLY A 474 28.73 -26.49 -25.25
CA GLY A 474 30.13 -26.14 -25.37
C GLY A 474 30.52 -24.96 -24.50
N GLU A 475 29.56 -24.06 -24.23
CA GLU A 475 29.88 -22.91 -23.40
C GLU A 475 28.71 -22.62 -22.47
N TYR A 476 29.02 -22.07 -21.30
CA TYR A 476 27.96 -21.50 -20.49
C TYR A 476 28.49 -20.37 -19.62
N THR A 477 27.63 -19.38 -19.38
CA THR A 477 27.99 -18.14 -18.70
C THR A 477 26.88 -17.76 -17.73
N SER A 478 27.26 -17.44 -16.50
CA SER A 478 26.30 -16.98 -15.50
C SER A 478 26.21 -15.45 -15.52
N PHE A 479 25.05 -14.94 -15.12
CA PHE A 479 24.75 -13.51 -15.13
C PHE A 479 24.20 -13.09 -13.77
N LEU A 480 24.60 -11.90 -13.33
CA LEU A 480 24.17 -11.33 -12.07
C LEU A 480 23.53 -9.97 -12.28
N ALA A 481 22.56 -9.64 -11.43
CA ALA A 481 21.90 -8.34 -11.51
C ALA A 481 21.41 -7.92 -10.12
N PRO A 482 21.79 -6.74 -9.64
CA PRO A 482 21.30 -6.30 -8.34
C PRO A 482 19.81 -6.03 -8.36
N ILE A 483 19.10 -6.47 -7.31
CA ILE A 483 17.67 -6.31 -7.25
C ILE A 483 17.29 -5.71 -5.89
N SER A 484 16.07 -5.18 -5.84
CA SER A 484 15.48 -4.66 -4.61
C SER A 484 14.15 -5.35 -4.39
N SER A 485 13.98 -5.94 -3.21
CA SER A 485 12.72 -6.60 -2.87
C SER A 485 12.69 -6.77 -1.34
N SER A 486 12.06 -5.81 -0.68
CA SER A 486 11.86 -5.93 0.77
C SER A 486 10.94 -7.08 1.12
N LYS A 487 10.28 -7.69 0.13
CA LYS A 487 9.45 -8.87 0.35
C LYS A 487 10.31 -10.14 0.39
N LEU A 488 11.16 -10.34 -0.62
CA LEU A 488 12.04 -11.50 -0.63
C LEU A 488 13.08 -11.42 0.47
N TYR A 489 13.53 -10.21 0.82
CA TYR A 489 14.42 -10.06 1.96
C TYR A 489 13.76 -10.55 3.23
N ASN A 490 12.48 -10.20 3.42
CA ASN A 490 11.78 -10.64 4.62
C ASN A 490 11.56 -12.15 4.62
N GLU A 491 11.31 -12.73 3.44
CA GLU A 491 11.19 -14.19 3.38
C GLU A 491 12.49 -14.87 3.78
N VAL A 492 13.61 -14.45 3.17
CA VAL A 492 14.91 -14.99 3.53
C VAL A 492 15.16 -14.84 5.02
N ARG A 493 14.84 -13.65 5.58
CA ARG A 493 15.00 -13.44 7.01
C ARG A 493 14.15 -14.42 7.81
N ALA A 494 12.94 -14.71 7.33
CA ALA A 494 12.08 -15.67 8.01
C ALA A 494 12.62 -17.10 7.92
N CYS A 495 13.58 -17.35 7.04
CA CYS A 495 14.14 -18.70 6.94
C CYS A 495 15.12 -19.06 8.06
N ARG A 496 15.05 -18.38 9.21
CA ARG A 496 15.97 -18.69 10.30
C ARG A 496 15.56 -19.98 11.00
N GLU A 497 16.55 -20.80 11.32
CA GLU A 497 16.32 -22.12 11.91
C GLU A 497 17.15 -22.30 13.17
N LYS A 498 16.61 -23.10 14.09
CA LYS A 498 17.34 -23.51 15.27
C LYS A 498 18.51 -24.40 14.89
N ASP A 499 19.50 -24.46 15.79
CA ASP A 499 20.66 -25.34 15.67
C ASP A 499 21.61 -24.92 14.53
N ARG A 500 21.69 -23.62 14.24
CA ARG A 500 22.66 -23.14 13.27
C ARG A 500 22.81 -21.62 13.42
N ASP A 501 23.80 -21.09 12.70
CA ASP A 501 24.11 -19.66 12.61
C ASP A 501 22.83 -18.87 12.39
N PRO A 502 22.47 -17.94 13.28
CA PRO A 502 21.20 -17.22 13.12
C PRO A 502 21.08 -16.43 11.83
N GLU A 503 22.18 -16.19 11.13
CA GLU A 503 22.15 -15.47 9.86
C GLU A 503 22.58 -16.34 8.68
N ALA A 504 22.58 -17.67 8.86
CA ALA A 504 23.02 -18.57 7.78
C ALA A 504 22.11 -18.49 6.57
N GLN A 505 20.84 -18.13 6.77
CA GLN A 505 19.89 -18.06 5.65
C GLN A 505 20.24 -16.96 4.66
N PHE A 506 20.99 -15.93 5.07
CA PHE A 506 21.41 -14.90 4.15
C PHE A 506 22.66 -15.28 3.37
N GLU A 507 23.40 -16.29 3.83
CA GLU A 507 24.66 -16.70 3.20
C GLU A 507 24.50 -17.94 2.34
N MET A 508 23.33 -18.10 1.71
CA MET A 508 23.08 -19.23 0.83
C MET A 508 22.12 -18.78 -0.27
N PRO A 509 22.23 -19.34 -1.47
CA PRO A 509 21.33 -18.95 -2.56
C PRO A 509 20.00 -19.68 -2.49
N TYR A 510 19.05 -19.18 -3.26
CA TYR A 510 17.73 -19.81 -3.34
C TYR A 510 17.23 -19.79 -4.77
N VAL A 511 16.70 -20.92 -5.24
CA VAL A 511 16.06 -20.98 -6.55
C VAL A 511 14.61 -20.53 -6.39
N VAL A 512 14.25 -19.47 -7.09
CA VAL A 512 12.95 -18.83 -6.89
C VAL A 512 12.51 -18.16 -8.19
N ARG A 513 11.21 -18.23 -8.46
CA ARG A 513 10.60 -17.45 -9.54
C ARG A 513 10.41 -16.03 -9.03
N LEU A 514 11.44 -15.21 -9.18
CA LEU A 514 11.39 -13.82 -8.75
C LEU A 514 10.21 -13.12 -9.39
N HIS A 515 9.43 -12.41 -8.57
CA HIS A 515 8.19 -11.81 -9.05
C HIS A 515 8.08 -10.37 -8.57
N ASN A 516 7.86 -10.16 -7.28
CA ASN A 516 7.75 -8.82 -6.70
C ASN A 516 9.17 -8.34 -6.38
N PHE A 517 9.81 -7.74 -7.37
CA PHE A 517 11.19 -7.27 -7.23
C PHE A 517 11.42 -6.18 -8.26
N HIS A 518 12.56 -5.50 -8.13
CA HIS A 518 12.94 -4.43 -9.05
C HIS A 518 14.38 -4.63 -9.49
N GLN A 519 14.58 -4.72 -10.80
CA GLN A 519 15.92 -4.82 -11.36
C GLN A 519 16.58 -3.45 -11.33
N LEU A 520 17.72 -3.35 -10.65
CA LEU A 520 18.38 -2.08 -10.43
C LEU A 520 19.45 -1.77 -11.48
N SER A 521 19.85 -2.75 -12.29
CA SER A 521 20.83 -2.54 -13.34
C SER A 521 20.76 -3.74 -14.28
N ALA A 522 21.35 -3.57 -15.46
CA ALA A 522 21.34 -4.61 -16.46
C ALA A 522 22.20 -5.80 -16.00
N PRO A 523 21.76 -7.03 -16.26
CA PRO A 523 22.60 -8.19 -15.91
C PRO A 523 23.91 -8.18 -16.69
N GLN A 524 24.97 -8.60 -16.01
CA GLN A 524 26.30 -8.68 -16.60
C GLN A 524 26.87 -10.07 -16.35
N PRO A 525 27.73 -10.56 -17.25
CA PRO A 525 28.26 -11.92 -17.10
C PRO A 525 29.14 -12.04 -15.87
N CYS A 526 29.02 -13.19 -15.20
CA CYS A 526 29.80 -13.45 -13.99
C CYS A 526 30.92 -14.44 -14.29
N PHE A 527 30.58 -15.72 -14.38
CA PHE A 527 31.56 -16.78 -14.62
C PHE A 527 31.21 -17.51 -15.92
N THR A 528 32.24 -17.92 -16.65
CA THR A 528 32.07 -18.60 -17.93
C THR A 528 32.94 -19.84 -17.95
N PHE A 529 32.41 -20.92 -18.51
CA PHE A 529 33.14 -22.18 -18.66
C PHE A 529 32.96 -22.73 -20.06
N SER A 530 34.05 -23.30 -20.59
CA SER A 530 34.11 -23.87 -21.92
C SER A 530 34.38 -25.38 -21.81
N HIS A 531 33.91 -26.13 -22.80
CA HIS A 531 34.09 -27.56 -22.81
C HIS A 531 34.23 -28.05 -24.24
N PRO A 532 35.32 -28.76 -24.56
CA PRO A 532 36.40 -29.21 -23.68
C PRO A 532 37.33 -28.09 -23.22
N ASN A 533 37.87 -28.20 -22.01
CA ASN A 533 38.84 -27.24 -21.49
C ASN A 533 40.22 -27.88 -21.62
N ARG A 534 40.84 -27.67 -22.79
CA ARG A 534 42.11 -28.30 -23.11
C ARG A 534 43.25 -27.78 -22.24
N ASP A 535 43.05 -26.66 -21.55
CA ASP A 535 44.05 -25.94 -20.77
C ASP A 535 44.87 -26.87 -19.89
N PRO A 536 46.19 -26.66 -19.79
CA PRO A 536 47.00 -27.50 -18.91
C PRO A 536 46.75 -27.24 -17.43
N MET A 537 46.74 -25.96 -17.04
CA MET A 537 46.59 -25.57 -15.64
C MET A 537 45.11 -25.33 -15.33
N ILE A 538 44.34 -26.42 -15.34
CA ILE A 538 42.90 -26.32 -15.12
C ILE A 538 42.62 -25.82 -13.72
N ASP A 539 41.77 -24.81 -13.62
CA ASP A 539 41.40 -24.21 -12.33
C ASP A 539 40.01 -23.61 -12.50
N ASN A 540 39.03 -24.19 -11.81
CA ASN A 540 37.64 -23.76 -11.94
C ASN A 540 37.23 -22.72 -10.91
N ASN A 541 38.15 -22.30 -10.03
CA ASN A 541 37.85 -21.21 -9.11
C ASN A 541 37.83 -19.89 -9.85
N ARG A 542 37.13 -18.90 -9.29
CA ARG A 542 36.93 -17.64 -9.99
C ARG A 542 36.92 -16.48 -9.01
N TYR A 543 37.28 -15.30 -9.51
CA TYR A 543 37.14 -14.04 -8.77
C TYR A 543 36.70 -12.97 -9.78
N CYS A 544 35.49 -12.46 -9.63
CA CYS A 544 34.89 -11.53 -10.58
C CYS A 544 34.41 -10.28 -9.86
N THR A 545 34.69 -9.13 -10.45
CA THR A 545 34.31 -7.83 -9.91
C THR A 545 33.36 -7.15 -10.89
N LEU A 546 32.15 -6.84 -10.43
CA LEU A 546 31.12 -6.27 -11.29
C LEU A 546 30.71 -4.90 -10.77
N GLU A 547 30.55 -3.97 -11.70
CA GLU A 547 30.09 -2.61 -11.41
C GLU A 547 28.77 -2.37 -12.14
N PHE A 548 27.72 -2.09 -11.38
CA PHE A 548 26.37 -1.91 -11.92
C PHE A 548 25.95 -0.46 -11.80
N PRO A 549 25.80 0.26 -12.91
CA PRO A 549 25.27 1.63 -12.83
C PRO A 549 23.81 1.62 -12.40
N VAL A 550 23.51 2.39 -11.36
CA VAL A 550 22.15 2.49 -10.83
C VAL A 550 21.67 3.92 -11.02
N GLU A 551 20.63 4.08 -11.85
CA GLU A 551 20.07 5.39 -12.15
C GLU A 551 18.74 5.61 -11.46
N VAL A 552 18.57 5.05 -10.26
CA VAL A 552 17.38 5.25 -9.45
C VAL A 552 17.79 5.24 -7.97
N ASN A 553 16.90 5.73 -7.12
CA ASN A 553 17.05 5.56 -5.68
C ASN A 553 16.38 4.26 -5.26
N THR A 554 17.06 3.49 -4.41
CA THR A 554 16.60 2.13 -4.13
C THR A 554 17.31 1.59 -2.89
N VAL A 555 16.95 0.36 -2.53
CA VAL A 555 17.54 -0.35 -1.40
C VAL A 555 17.91 -1.75 -1.87
N LEU A 556 19.21 -2.02 -1.99
CA LEU A 556 19.69 -3.33 -2.40
C LEU A 556 19.41 -4.38 -1.33
N HIS A 557 18.84 -5.50 -1.76
CA HIS A 557 18.59 -6.65 -0.89
C HIS A 557 19.26 -7.93 -1.38
N GLY A 558 19.65 -8.01 -2.65
CA GLY A 558 20.29 -9.22 -3.14
C GLY A 558 20.59 -9.09 -4.63
N PHE A 559 21.00 -10.22 -5.20
CA PHE A 559 21.42 -10.30 -6.59
C PHE A 559 20.73 -11.48 -7.24
N ALA A 560 20.00 -11.21 -8.32
CA ALA A 560 19.41 -12.26 -9.14
C ALA A 560 20.47 -12.86 -10.06
N GLY A 561 20.37 -14.16 -10.29
CA GLY A 561 21.32 -14.88 -11.10
C GLY A 561 20.64 -15.71 -12.17
N TYR A 562 21.10 -15.53 -13.41
CA TYR A 562 20.59 -16.23 -14.58
C TYR A 562 21.76 -16.90 -15.28
N PHE A 563 21.50 -17.53 -16.42
CA PHE A 563 22.58 -18.13 -17.20
C PHE A 563 22.21 -18.18 -18.67
N GLU A 564 23.24 -18.26 -19.51
CA GLU A 564 23.10 -18.55 -20.92
C GLU A 564 24.05 -19.70 -21.25
N THR A 565 23.72 -20.44 -22.30
CA THR A 565 24.58 -21.56 -22.68
C THR A 565 24.52 -21.79 -24.18
N VAL A 566 25.69 -21.99 -24.76
CA VAL A 566 25.83 -22.38 -26.16
C VAL A 566 25.93 -23.90 -26.21
N LEU A 567 24.88 -24.55 -26.74
CA LEU A 567 24.92 -25.99 -26.93
C LEU A 567 25.81 -26.34 -28.13
N TYR A 568 25.52 -25.74 -29.28
CA TYR A 568 26.35 -25.91 -30.47
C TYR A 568 26.12 -24.74 -31.41
N GLN A 569 27.21 -24.08 -31.78
CA GLN A 569 27.19 -22.96 -32.72
C GLN A 569 26.21 -21.88 -32.28
N ASP A 570 25.07 -21.77 -32.97
CA ASP A 570 24.08 -20.74 -32.65
C ASP A 570 22.84 -21.31 -31.97
N ILE A 571 22.85 -22.58 -31.58
CA ILE A 571 21.77 -23.14 -30.79
C ILE A 571 22.11 -22.91 -29.32
N THR A 572 21.27 -22.12 -28.64
CA THR A 572 21.56 -21.67 -27.30
C THR A 572 20.31 -21.77 -26.43
N LEU A 573 20.53 -21.84 -25.12
CA LEU A 573 19.49 -21.73 -24.13
C LEU A 573 19.79 -20.55 -23.22
N SER A 574 18.76 -19.97 -22.62
CA SER A 574 18.97 -18.80 -21.79
C SER A 574 17.79 -18.58 -20.87
N ILE A 575 18.08 -18.28 -19.61
CA ILE A 575 17.10 -17.76 -18.67
C ILE A 575 17.35 -16.31 -18.33
N ARG A 576 18.32 -15.68 -18.96
CA ARG A 576 18.54 -14.25 -18.85
C ARG A 576 17.35 -13.52 -19.46
N PRO A 577 16.63 -12.69 -18.69
CA PRO A 577 15.35 -12.14 -19.18
C PRO A 577 15.42 -11.47 -20.54
N GLU A 578 16.51 -10.76 -20.84
CA GLU A 578 16.61 -10.07 -22.11
C GLU A 578 16.71 -11.04 -23.28
N THR A 579 17.37 -12.18 -23.07
CA THR A 579 17.59 -13.17 -24.12
C THR A 579 16.92 -14.50 -23.79
N HIS A 580 15.91 -14.49 -22.93
CA HIS A 580 15.32 -15.73 -22.42
C HIS A 580 14.73 -16.56 -23.56
N SER A 581 15.03 -17.85 -23.55
CA SER A 581 14.42 -18.78 -24.49
C SER A 581 12.92 -18.82 -24.27
N PRO A 582 12.10 -18.57 -25.29
CA PRO A 582 10.65 -18.42 -25.06
C PRO A 582 10.01 -19.73 -24.65
N GLY A 583 9.21 -19.67 -23.58
CA GLY A 583 8.41 -20.81 -23.15
C GLY A 583 9.21 -21.99 -22.66
N MET A 584 10.33 -21.76 -21.98
CA MET A 584 11.16 -22.81 -21.42
C MET A 584 11.04 -22.78 -19.91
N PHE A 585 10.49 -23.83 -19.34
CA PHE A 585 10.23 -23.85 -17.90
C PHE A 585 10.92 -25.03 -17.22
N SER A 586 12.26 -25.07 -17.30
CA SER A 586 13.06 -26.00 -16.53
C SER A 586 13.86 -25.33 -15.42
N TRP A 587 14.25 -24.07 -15.60
CA TRP A 587 15.02 -23.32 -14.62
C TRP A 587 14.24 -22.09 -14.18
N PHE A 588 14.29 -21.83 -12.89
CA PHE A 588 13.95 -20.54 -12.30
C PHE A 588 15.23 -19.79 -11.98
N PRO A 589 15.18 -18.46 -11.87
CA PRO A 589 16.38 -17.71 -11.49
C PRO A 589 16.84 -18.06 -10.08
N ILE A 590 18.10 -17.74 -9.80
CA ILE A 590 18.66 -17.94 -8.47
C ILE A 590 18.75 -16.57 -7.79
N LEU A 591 18.84 -16.59 -6.46
CA LEU A 591 18.89 -15.36 -5.68
C LEU A 591 19.96 -15.49 -4.61
N PHE A 592 20.94 -14.58 -4.63
CA PHE A 592 21.95 -14.47 -3.58
C PHE A 592 21.58 -13.28 -2.70
N PRO A 593 21.14 -13.49 -1.47
CA PRO A 593 20.77 -12.37 -0.60
C PRO A 593 22.00 -11.81 0.11
N ILE A 594 21.79 -10.73 0.85
CA ILE A 594 22.80 -10.13 1.71
C ILE A 594 22.17 -9.84 3.06
N LYS A 595 22.99 -9.94 4.10
CA LYS A 595 22.51 -9.78 5.47
C LYS A 595 21.81 -8.44 5.68
N GLN A 596 22.49 -7.35 5.35
CA GLN A 596 21.97 -6.02 5.59
C GLN A 596 21.61 -5.34 4.28
N PRO A 597 20.39 -4.81 4.16
CA PRO A 597 20.04 -4.00 2.98
C PRO A 597 20.97 -2.80 2.87
N ILE A 598 21.16 -2.33 1.63
CA ILE A 598 22.15 -1.29 1.35
C ILE A 598 21.46 -0.18 0.56
N THR A 599 21.36 1.00 1.15
CA THR A 599 20.76 2.14 0.46
C THR A 599 21.62 2.53 -0.74
N VAL A 600 20.98 2.82 -1.87
CA VAL A 600 21.67 3.21 -3.09
C VAL A 600 20.96 4.43 -3.67
N ARG A 601 21.67 5.55 -3.76
CA ARG A 601 21.10 6.76 -4.33
C ARG A 601 21.32 6.79 -5.84
N GLU A 602 20.50 7.59 -6.51
CA GLU A 602 20.55 7.73 -7.96
C GLU A 602 21.93 8.22 -8.40
N GLY A 603 22.48 7.58 -9.42
CA GLY A 603 23.78 7.91 -9.96
C GLY A 603 24.91 7.05 -9.43
N GLN A 604 24.75 6.50 -8.23
CA GLN A 604 25.78 5.67 -7.64
C GLN A 604 25.91 4.35 -8.40
N THR A 605 27.08 3.73 -8.28
CA THR A 605 27.36 2.44 -8.87
C THR A 605 27.44 1.38 -7.76
N ILE A 606 26.73 0.28 -7.95
CA ILE A 606 26.79 -0.85 -7.02
C ILE A 606 27.93 -1.75 -7.49
N CYS A 607 28.97 -1.86 -6.68
CA CYS A 607 30.11 -2.72 -7.00
C CYS A 607 30.04 -3.94 -6.10
N VAL A 608 29.95 -5.11 -6.72
CA VAL A 608 29.86 -6.40 -6.04
C VAL A 608 31.03 -7.27 -6.47
N ARG A 609 31.44 -8.17 -5.59
CA ARG A 609 32.50 -9.13 -5.84
C ARG A 609 31.94 -10.54 -5.65
N PHE A 610 32.36 -11.46 -6.51
CA PHE A 610 31.89 -12.85 -6.44
C PHE A 610 33.08 -13.79 -6.60
N TRP A 611 33.17 -14.77 -5.71
CA TRP A 611 34.19 -15.80 -5.76
C TRP A 611 33.55 -17.16 -6.00
N ARG A 612 34.23 -18.00 -6.77
CA ARG A 612 33.96 -19.42 -6.85
C ARG A 612 35.16 -20.13 -6.22
N CYS A 613 34.91 -20.86 -5.14
CA CYS A 613 35.96 -21.49 -4.34
C CYS A 613 35.74 -22.99 -4.31
N SER A 614 36.79 -23.72 -3.94
CA SER A 614 36.71 -25.18 -3.93
C SER A 614 37.88 -25.75 -3.14
N ASN A 615 37.68 -26.95 -2.62
CA ASN A 615 38.78 -27.83 -2.21
C ASN A 615 38.56 -29.21 -2.80
N SER A 616 39.07 -30.25 -2.13
CA SER A 616 38.91 -31.60 -2.67
C SER A 616 37.47 -32.06 -2.61
N LYS A 617 36.71 -31.63 -1.60
CA LYS A 617 35.38 -32.19 -1.34
C LYS A 617 34.23 -31.23 -1.60
N LYS A 618 34.43 -29.93 -1.41
CA LYS A 618 33.35 -28.96 -1.51
C LYS A 618 33.64 -27.92 -2.57
N VAL A 619 32.57 -27.30 -3.07
CA VAL A 619 32.63 -26.13 -3.92
C VAL A 619 31.56 -25.16 -3.42
N TRP A 620 31.90 -23.88 -3.35
CA TRP A 620 30.97 -22.90 -2.83
C TRP A 620 31.22 -21.54 -3.48
N TYR A 621 30.32 -20.60 -3.21
CA TYR A 621 30.44 -19.23 -3.64
C TYR A 621 30.60 -18.31 -2.43
N GLU A 622 31.44 -17.30 -2.57
CA GLU A 622 31.48 -16.18 -1.65
C GLU A 622 31.17 -14.91 -2.43
N TRP A 623 30.58 -13.93 -1.76
CA TRP A 623 30.21 -12.69 -2.43
C TRP A 623 30.20 -11.55 -1.44
N ALA A 624 30.40 -10.34 -1.95
CA ALA A 624 30.46 -9.15 -1.11
C ALA A 624 30.19 -7.92 -1.95
N VAL A 625 29.51 -6.95 -1.34
CA VAL A 625 29.31 -5.64 -1.95
C VAL A 625 30.43 -4.72 -1.50
N THR A 626 31.08 -4.07 -2.46
CA THR A 626 32.15 -3.12 -2.14
C THR A 626 31.78 -1.67 -2.41
N ALA A 627 30.71 -1.41 -3.16
CA ALA A 627 30.30 -0.03 -3.35
C ALA A 627 28.79 0.04 -3.50
N PRO A 628 28.14 1.13 -3.05
CA PRO A 628 28.72 2.37 -2.48
C PRO A 628 29.22 2.19 -1.05
N VAL A 629 28.70 1.20 -0.34
CA VAL A 629 29.19 0.81 0.98
C VAL A 629 29.66 -0.64 0.90
N CYS A 630 30.43 -1.05 1.89
CA CYS A 630 30.93 -2.41 1.95
C CYS A 630 30.01 -3.28 2.78
N SER A 631 29.80 -4.51 2.31
CA SER A 631 29.09 -5.53 3.06
C SER A 631 30.09 -6.50 3.67
N ALA A 632 29.58 -7.42 4.47
CA ALA A 632 30.41 -8.52 4.93
C ALA A 632 30.62 -9.52 3.80
N ILE A 633 31.75 -10.23 3.84
CA ILE A 633 31.96 -11.32 2.89
C ILE A 633 31.05 -12.47 3.28
N HIS A 634 30.19 -12.87 2.35
CA HIS A 634 29.14 -13.84 2.65
C HIS A 634 29.59 -15.26 2.36
N ASN A 635 29.21 -16.17 3.24
CA ASN A 635 29.53 -17.59 3.18
C ASN A 635 31.04 -17.83 3.09
N PRO A 636 31.84 -17.33 4.03
CA PRO A 636 33.28 -17.61 3.98
C PRO A 636 33.55 -19.04 4.40
N THR A 637 34.49 -19.69 3.70
CA THR A 637 34.84 -21.09 3.92
C THR A 637 33.62 -22.00 3.75
N GLY A 638 32.65 -21.56 2.95
CA GLY A 638 31.44 -22.34 2.73
C GLY A 638 30.70 -22.71 3.99
N ARG A 639 30.80 -21.88 5.04
CA ARG A 639 30.25 -22.26 6.34
C ARG A 639 28.74 -22.45 6.29
N SER A 640 28.05 -21.67 5.45
CA SER A 640 26.59 -21.73 5.38
C SER A 640 26.08 -22.49 4.15
N TYR A 641 26.90 -22.65 3.12
CA TYR A 641 26.45 -23.29 1.89
C TYR A 641 27.64 -23.86 1.14
N THR A 642 27.62 -25.17 0.91
CA THR A 642 28.60 -25.84 0.07
C THR A 642 27.87 -26.71 -0.95
N ILE A 643 28.60 -27.06 -2.00
CA ILE A 643 28.11 -27.97 -3.04
C ILE A 643 29.05 -29.16 -3.09
N GLY A 644 28.52 -30.34 -2.79
CA GLY A 644 29.36 -31.52 -2.64
C GLY A 644 29.86 -32.04 -3.98
N LEU A 645 31.10 -32.51 -3.98
CA LEU A 645 31.73 -33.08 -5.17
C LEU A 645 31.53 -34.59 -5.23
N MET B 35 -34.37 10.23 21.06
CA MET B 35 -33.31 11.04 20.47
C MET B 35 -31.98 10.28 20.49
N GLU B 36 -30.92 10.99 20.14
CA GLU B 36 -29.57 10.46 20.19
C GLU B 36 -28.78 11.15 21.30
N ARG B 37 -27.73 10.47 21.76
CA ARG B 37 -27.04 10.89 22.98
C ARG B 37 -26.21 12.15 22.76
N GLN B 38 -25.50 12.24 21.63
CA GLN B 38 -24.48 13.27 21.43
C GLN B 38 -25.10 14.48 20.75
N LEU B 39 -25.33 15.54 21.52
CA LEU B 39 -25.81 16.81 20.97
C LEU B 39 -24.65 17.52 20.29
N GLU B 40 -24.80 17.78 18.99
CA GLU B 40 -23.73 18.36 18.20
C GLU B 40 -23.91 19.85 17.92
N ALA B 41 -25.12 20.29 17.62
CA ALA B 41 -25.34 21.67 17.18
C ALA B 41 -26.53 22.29 17.89
N ALA B 42 -26.43 23.58 18.19
CA ALA B 42 -27.50 24.35 18.80
C ALA B 42 -27.47 25.76 18.22
N ARG B 43 -28.59 26.21 17.66
CA ARG B 43 -28.66 27.49 16.97
C ARG B 43 -29.99 28.19 17.27
N TYR B 44 -29.93 29.47 17.60
CA TYR B 44 -31.14 30.26 17.83
C TYR B 44 -31.58 30.92 16.53
N ARG B 45 -32.89 30.90 16.29
CA ARG B 45 -33.46 31.62 15.16
C ARG B 45 -33.75 33.07 15.58
N SER B 46 -34.11 33.89 14.59
CA SER B 46 -34.37 35.30 14.87
C SER B 46 -35.46 35.48 15.92
N ASP B 47 -36.52 34.67 15.85
CA ASP B 47 -37.64 34.81 16.75
C ASP B 47 -37.39 34.21 18.13
N GLY B 48 -36.31 33.44 18.30
CA GLY B 48 -35.97 32.86 19.58
C GLY B 48 -36.18 31.36 19.69
N ALA B 49 -36.56 30.68 18.62
CA ALA B 49 -36.70 29.24 18.65
C ALA B 49 -35.33 28.58 18.59
N LEU B 50 -35.25 27.36 19.13
CA LEU B 50 -33.97 26.66 19.29
C LEU B 50 -33.92 25.46 18.34
N LEU B 51 -32.94 25.47 17.44
CA LEU B 51 -32.65 24.36 16.55
C LEU B 51 -31.54 23.52 17.17
N LEU B 52 -31.71 22.20 17.10
CA LEU B 52 -30.80 21.24 17.71
C LEU B 52 -30.46 20.17 16.70
N GLY B 53 -29.18 19.84 16.58
CA GLY B 53 -28.74 18.75 15.74
C GLY B 53 -27.95 17.73 16.55
N ALA B 54 -28.34 16.46 16.47
CA ALA B 54 -27.73 15.44 17.32
C ALA B 54 -27.28 14.25 16.48
N SER B 55 -26.31 13.53 17.00
CA SER B 55 -25.78 12.32 16.39
C SER B 55 -25.71 11.21 17.43
N SER B 56 -25.71 9.96 16.95
CA SER B 56 -25.44 8.80 17.79
C SER B 56 -24.06 8.27 17.39
N LEU B 57 -23.10 8.37 18.30
CA LEU B 57 -21.73 7.99 18.03
C LEU B 57 -21.35 6.66 18.67
N SER B 58 -22.34 5.95 19.23
CA SER B 58 -22.10 4.65 19.82
C SER B 58 -23.39 3.85 19.73
N GLY B 59 -23.27 2.54 19.94
CA GLY B 59 -24.43 1.67 19.87
C GLY B 59 -24.65 1.09 18.49
N ARG B 60 -25.81 0.45 18.35
CA ARG B 60 -26.09 -0.31 17.12
C ARG B 60 -26.19 0.61 15.91
N CYS B 61 -26.85 1.76 16.05
CA CYS B 61 -27.11 2.66 14.93
C CYS B 61 -26.33 3.96 15.11
N TRP B 62 -25.62 4.37 14.06
CA TRP B 62 -24.87 5.62 14.05
C TRP B 62 -25.58 6.61 13.13
N ALA B 63 -26.70 7.14 13.60
CA ALA B 63 -27.53 8.03 12.82
C ALA B 63 -27.51 9.44 13.42
N GLY B 64 -28.44 10.28 12.96
CA GLY B 64 -28.54 11.65 13.42
C GLY B 64 -29.98 12.13 13.39
N SER B 65 -30.18 13.35 13.88
CA SER B 65 -31.54 13.87 14.02
C SER B 65 -31.51 15.39 14.12
N LEU B 66 -32.63 15.99 13.72
CA LEU B 66 -32.83 17.44 13.76
C LEU B 66 -34.10 17.72 14.56
N TRP B 67 -34.04 18.71 15.45
CA TRP B 67 -35.16 19.02 16.32
C TRP B 67 -35.34 20.53 16.45
N LEU B 68 -36.59 20.99 16.44
CA LEU B 68 -36.91 22.40 16.60
C LEU B 68 -37.80 22.57 17.82
N PHE B 69 -37.39 23.46 18.71
CA PHE B 69 -38.07 23.73 19.98
C PHE B 69 -38.50 25.18 20.00
N LYS B 70 -39.80 25.44 19.87
CA LYS B 70 -40.29 26.79 20.10
C LYS B 70 -40.30 27.14 21.58
N ASP B 71 -40.29 26.13 22.45
CA ASP B 71 -40.01 26.31 23.86
C ASP B 71 -38.56 25.90 24.10
N PRO B 72 -37.63 26.85 24.26
CA PRO B 72 -36.22 26.48 24.39
C PRO B 72 -35.86 25.86 25.74
N CYS B 73 -36.69 26.06 26.77
CA CYS B 73 -36.43 25.45 28.07
C CYS B 73 -36.90 24.01 28.15
N ALA B 74 -37.71 23.55 27.20
CA ALA B 74 -38.13 22.16 27.16
C ALA B 74 -37.11 21.24 26.51
N ALA B 75 -36.05 21.80 25.92
CA ALA B 75 -34.97 21.00 25.37
C ALA B 75 -34.12 20.42 26.49
N PRO B 76 -33.57 19.22 26.31
CA PRO B 76 -33.58 18.38 25.10
C PRO B 76 -34.84 17.53 24.90
N ASN B 77 -35.66 17.34 25.94
CA ASN B 77 -36.77 16.39 25.97
C ASN B 77 -37.51 16.32 24.63
N GLU B 78 -37.59 15.11 24.07
CA GLU B 78 -38.16 14.95 22.74
C GLU B 78 -39.67 15.17 22.74
N GLY B 79 -40.35 14.78 23.81
CA GLY B 79 -41.80 14.83 23.83
C GLY B 79 -42.35 16.24 23.78
N PHE B 80 -41.58 17.22 24.23
CA PHE B 80 -42.02 18.61 24.31
C PHE B 80 -41.36 19.47 23.25
N CYS B 81 -41.18 18.92 22.05
CA CYS B 81 -40.55 19.65 20.96
C CYS B 81 -41.61 20.15 19.98
N SER B 82 -41.22 21.13 19.16
CA SER B 82 -42.13 21.64 18.15
C SER B 82 -42.08 20.78 16.89
N ALA B 83 -40.90 20.35 16.48
CA ALA B 83 -40.78 19.49 15.32
C ALA B 83 -39.51 18.66 15.45
N GLY B 84 -39.45 17.58 14.68
CA GLY B 84 -38.29 16.72 14.72
C GLY B 84 -38.27 15.80 13.52
N VAL B 85 -37.07 15.26 13.24
CA VAL B 85 -36.88 14.36 12.12
C VAL B 85 -35.63 13.54 12.35
N GLN B 86 -35.66 12.28 11.88
CA GLN B 86 -34.53 11.38 11.88
C GLN B 86 -33.85 11.42 10.51
N THR B 87 -32.51 11.46 10.52
CA THR B 87 -31.74 11.48 9.28
C THR B 87 -31.06 10.14 9.06
N GLU B 88 -30.61 9.94 7.82
CA GLU B 88 -29.93 8.69 7.46
C GLU B 88 -28.70 8.46 8.31
N ALA B 89 -27.84 9.47 8.42
CA ALA B 89 -26.58 9.36 9.13
C ALA B 89 -26.41 10.55 10.07
N GLY B 90 -25.38 10.47 10.91
CA GLY B 90 -25.13 11.50 11.89
C GLY B 90 -24.80 12.83 11.25
N VAL B 91 -24.95 13.89 12.05
CA VAL B 91 -24.70 15.25 11.60
C VAL B 91 -23.42 15.74 12.26
N ALA B 92 -22.55 16.39 11.49
CA ALA B 92 -21.31 16.92 12.02
C ALA B 92 -21.37 18.42 12.28
N ASP B 93 -21.99 19.18 11.37
CA ASP B 93 -22.19 20.60 11.57
C ASP B 93 -23.55 20.99 11.03
N LEU B 94 -24.04 22.14 11.49
CA LEU B 94 -25.39 22.59 11.17
C LEU B 94 -25.40 24.11 11.07
N THR B 95 -26.40 24.64 10.40
CA THR B 95 -26.58 26.08 10.30
C THR B 95 -27.95 26.38 9.70
N TRP B 96 -28.44 27.60 9.99
CA TRP B 96 -29.70 28.05 9.44
C TRP B 96 -29.51 28.58 8.02
N VAL B 97 -30.51 28.33 7.17
CA VAL B 97 -30.61 29.03 5.90
C VAL B 97 -31.75 30.02 6.03
N GLY B 98 -31.49 31.16 6.67
CA GLY B 98 -32.50 32.16 6.88
C GLY B 98 -33.43 31.84 8.04
N GLU B 99 -34.67 31.49 7.71
CA GLU B 99 -35.71 31.28 8.72
C GLU B 99 -36.35 29.90 8.65
N ARG B 100 -36.57 29.37 7.45
CA ARG B 100 -37.24 28.08 7.29
C ARG B 100 -36.28 26.96 6.89
N GLY B 101 -35.05 27.27 6.51
CA GLY B 101 -34.12 26.29 5.99
C GLY B 101 -33.08 25.89 7.02
N ILE B 102 -32.59 24.65 6.90
CA ILE B 102 -31.58 24.10 7.79
C ILE B 102 -30.57 23.35 6.93
N LEU B 103 -29.30 23.71 7.04
CA LEU B 103 -28.24 23.11 6.25
C LEU B 103 -27.43 22.15 7.11
N VAL B 104 -27.22 20.94 6.60
CA VAL B 104 -26.65 19.84 7.37
C VAL B 104 -25.44 19.28 6.62
N ALA B 105 -24.33 19.14 7.34
CA ALA B 105 -23.16 18.40 6.87
C ALA B 105 -23.24 17.00 7.45
N SER B 106 -23.29 15.99 6.58
CA SER B 106 -23.55 14.64 7.04
C SER B 106 -22.27 13.81 7.08
N ASP B 107 -22.29 12.77 7.92
CA ASP B 107 -21.22 11.77 7.88
C ASP B 107 -21.20 11.04 6.55
N SER B 108 -22.34 10.97 5.87
CA SER B 108 -22.45 10.28 4.59
C SER B 108 -21.61 10.91 3.50
N GLY B 109 -20.99 12.06 3.75
CA GLY B 109 -20.33 12.82 2.72
C GLY B 109 -21.26 13.73 1.95
N ALA B 110 -22.49 13.90 2.40
CA ALA B 110 -23.48 14.69 1.69
C ALA B 110 -23.73 16.01 2.41
N VAL B 111 -24.25 16.96 1.64
CA VAL B 111 -24.81 18.19 2.16
C VAL B 111 -26.32 18.13 1.95
N GLU B 112 -27.07 18.36 3.02
CA GLU B 112 -28.52 18.25 2.99
C GLU B 112 -29.14 19.59 3.33
N LEU B 113 -30.19 19.95 2.61
CA LEU B 113 -31.01 21.11 2.94
C LEU B 113 -32.40 20.60 3.31
N TRP B 114 -32.84 20.96 4.52
CA TRP B 114 -34.13 20.56 5.07
C TRP B 114 -34.97 21.81 5.30
N GLU B 115 -36.18 21.83 4.77
CA GLU B 115 -37.07 22.96 4.94
C GLU B 115 -38.13 22.67 6.00
N LEU B 116 -38.50 23.72 6.74
CA LEU B 116 -39.60 23.64 7.69
C LEU B 116 -40.92 23.77 6.95
N ASP B 117 -41.78 22.76 7.08
CA ASP B 117 -43.03 22.70 6.34
C ASP B 117 -44.21 22.54 7.30
N GLU B 118 -45.41 22.66 6.74
CA GLU B 118 -46.67 22.49 7.45
C GLU B 118 -46.70 23.30 8.74
N ASN B 119 -46.53 24.61 8.59
CA ASN B 119 -46.58 25.55 9.71
C ASN B 119 -45.59 25.17 10.81
N GLU B 120 -44.44 24.66 10.39
CA GLU B 120 -43.33 24.33 11.29
C GLU B 120 -43.70 23.19 12.25
N THR B 121 -44.36 22.15 11.71
CA THR B 121 -44.53 20.89 12.41
C THR B 121 -43.76 19.75 11.76
N LEU B 122 -43.28 19.94 10.54
CA LEU B 122 -42.52 18.96 9.80
C LEU B 122 -41.13 19.51 9.48
N ILE B 123 -40.21 18.60 9.20
CA ILE B 123 -38.87 18.94 8.71
C ILE B 123 -38.61 18.03 7.52
N VAL B 124 -38.91 18.52 6.32
CA VAL B 124 -38.84 17.72 5.10
C VAL B 124 -37.53 18.02 4.38
N SER B 125 -37.01 17.02 3.68
CA SER B 125 -35.74 17.13 2.99
C SER B 125 -35.91 17.87 1.67
N LYS B 126 -35.31 19.06 1.56
CA LYS B 126 -35.33 19.79 0.30
C LYS B 126 -34.37 19.16 -0.70
N PHE B 127 -33.11 18.98 -0.31
CA PHE B 127 -32.20 18.21 -1.15
C PHE B 127 -31.16 17.51 -0.28
N CYS B 128 -30.42 16.59 -0.90
CA CYS B 128 -29.36 15.86 -0.21
C CYS B 128 -28.38 15.38 -1.29
N LYS B 129 -27.32 16.13 -1.51
CA LYS B 129 -26.37 15.85 -2.57
C LYS B 129 -25.08 15.26 -2.00
N TYR B 130 -24.65 14.14 -2.58
CA TYR B 130 -23.44 13.42 -2.18
C TYR B 130 -22.31 13.84 -3.11
N GLU B 131 -21.65 14.96 -2.79
CA GLU B 131 -20.57 15.46 -3.62
C GLU B 131 -19.21 15.44 -2.95
N HIS B 132 -19.14 15.32 -1.62
CA HIS B 132 -17.87 15.07 -0.97
C HIS B 132 -17.55 13.58 -0.99
N ASP B 133 -16.28 13.25 -0.75
CA ASP B 133 -15.83 11.87 -0.70
C ASP B 133 -15.55 11.38 0.71
N ASP B 134 -15.78 12.21 1.73
CA ASP B 134 -15.57 11.80 3.11
C ASP B 134 -16.52 12.60 3.99
N ILE B 135 -16.37 12.47 5.31
CA ILE B 135 -17.23 13.18 6.24
C ILE B 135 -17.14 14.67 6.01
N VAL B 136 -18.31 15.31 5.85
CA VAL B 136 -18.39 16.76 5.78
C VAL B 136 -18.40 17.29 7.22
N SER B 137 -17.36 18.04 7.58
CA SER B 137 -17.15 18.43 8.97
C SER B 137 -17.63 19.83 9.29
N THR B 138 -17.89 20.66 8.29
CA THR B 138 -18.28 22.04 8.55
C THR B 138 -19.03 22.61 7.36
N VAL B 139 -20.00 23.47 7.66
CA VAL B 139 -20.74 24.23 6.66
C VAL B 139 -20.91 25.66 7.19
N SER B 140 -21.09 26.60 6.26
CA SER B 140 -21.24 28.00 6.61
C SER B 140 -21.99 28.71 5.49
N VAL B 141 -23.02 29.47 5.86
CA VAL B 141 -23.82 30.19 4.89
C VAL B 141 -23.21 31.57 4.66
N LEU B 142 -23.21 32.01 3.41
CA LEU B 142 -22.59 33.26 3.04
C LEU B 142 -23.52 34.44 3.32
N SER B 143 -23.05 35.66 3.01
CA SER B 143 -23.81 36.86 3.35
C SER B 143 -25.13 36.93 2.60
N SER B 144 -25.15 36.49 1.34
CA SER B 144 -26.39 36.54 0.57
C SER B 144 -27.46 35.65 1.16
N GLY B 145 -27.10 34.44 1.59
CA GLY B 145 -28.07 33.46 2.03
C GLY B 145 -28.53 32.51 0.95
N THR B 146 -28.12 32.72 -0.30
CA THR B 146 -28.44 31.83 -1.40
C THR B 146 -27.28 30.89 -1.75
N GLN B 147 -26.10 31.12 -1.19
CA GLN B 147 -24.94 30.28 -1.40
C GLN B 147 -24.39 29.84 -0.05
N ALA B 148 -23.64 28.75 -0.07
CA ALA B 148 -23.03 28.20 1.14
C ALA B 148 -21.64 27.66 0.79
N VAL B 149 -20.91 27.23 1.81
CA VAL B 149 -19.58 26.67 1.62
C VAL B 149 -19.37 25.56 2.65
N SER B 150 -18.84 24.43 2.18
CA SER B 150 -18.65 23.25 3.01
C SER B 150 -17.18 22.83 3.00
N GLY B 151 -16.74 22.28 4.14
CA GLY B 151 -15.42 21.70 4.27
C GLY B 151 -15.52 20.28 4.78
N SER B 152 -14.77 19.36 4.17
CA SER B 152 -14.86 17.94 4.48
C SER B 152 -13.50 17.39 4.86
N LYS B 153 -13.49 16.11 5.23
CA LYS B 153 -12.25 15.40 5.53
C LYS B 153 -11.53 14.94 4.28
N ASP B 154 -12.16 15.06 3.10
CA ASP B 154 -11.48 14.77 1.84
C ASP B 154 -10.57 15.90 1.40
N ILE B 155 -10.37 16.87 2.30
CA ILE B 155 -9.42 17.97 2.17
C ILE B 155 -10.00 19.04 1.22
N CYS B 156 -11.15 18.75 0.62
CA CYS B 156 -11.74 19.66 -0.34
C CYS B 156 -12.72 20.62 0.33
N ILE B 157 -12.81 21.82 -0.23
CA ILE B 157 -13.80 22.82 0.15
C ILE B 157 -14.67 23.09 -1.07
N LYS B 158 -15.97 23.31 -0.84
CA LYS B 158 -16.89 23.44 -1.96
C LYS B 158 -17.83 24.62 -1.73
N VAL B 159 -18.21 25.27 -2.83
CA VAL B 159 -19.16 26.38 -2.81
C VAL B 159 -20.45 25.92 -3.47
N TRP B 160 -21.57 26.11 -2.78
CA TRP B 160 -22.86 25.58 -3.17
C TRP B 160 -23.82 26.72 -3.51
N ASP B 161 -24.61 26.51 -4.57
CA ASP B 161 -25.77 27.35 -4.87
C ASP B 161 -27.00 26.65 -4.29
N LEU B 162 -27.58 27.24 -3.26
CA LEU B 162 -28.70 26.62 -2.55
C LEU B 162 -29.99 26.63 -3.35
N ALA B 163 -30.06 27.40 -4.44
CA ALA B 163 -31.24 27.41 -5.30
C ALA B 163 -31.18 26.29 -6.34
N GLN B 164 -30.13 26.28 -7.16
CA GLN B 164 -29.99 25.25 -8.20
C GLN B 164 -29.70 23.88 -7.63
N GLN B 165 -29.24 23.80 -6.38
CA GLN B 165 -28.86 22.54 -5.73
C GLN B 165 -27.66 21.88 -6.41
N VAL B 166 -26.71 22.67 -6.89
CA VAL B 166 -25.52 22.17 -7.54
C VAL B 166 -24.30 22.83 -6.91
N VAL B 167 -23.12 22.27 -7.19
CA VAL B 167 -21.86 22.77 -6.66
C VAL B 167 -21.24 23.68 -7.70
N LEU B 168 -20.96 24.92 -7.29
CA LEU B 168 -20.35 25.88 -8.21
C LEU B 168 -18.86 25.61 -8.39
N SER B 169 -18.10 25.61 -7.29
CA SER B 169 -16.66 25.46 -7.33
C SER B 169 -16.20 24.46 -6.27
N SER B 170 -15.12 23.75 -6.60
CA SER B 170 -14.52 22.75 -5.72
C SER B 170 -13.02 23.02 -5.65
N TYR B 171 -12.56 23.49 -4.50
CA TYR B 171 -11.16 23.86 -4.31
C TYR B 171 -10.47 22.80 -3.45
N ARG B 172 -9.31 22.34 -3.91
CA ARG B 172 -8.42 21.49 -3.13
C ARG B 172 -7.21 22.34 -2.74
N ALA B 173 -7.40 23.17 -1.71
CA ALA B 173 -6.36 24.09 -1.30
C ALA B 173 -5.48 23.55 -0.19
N HIS B 174 -6.01 22.67 0.66
CA HIS B 174 -5.30 22.20 1.83
C HIS B 174 -4.57 20.89 1.54
N ALA B 175 -3.84 20.39 2.53
CA ALA B 175 -3.16 19.11 2.44
C ALA B 175 -3.64 18.12 3.49
N ALA B 176 -4.56 18.52 4.38
CA ALA B 176 -5.13 17.65 5.39
C ALA B 176 -6.61 17.97 5.51
N GLN B 177 -7.32 17.19 6.32
CA GLN B 177 -8.76 17.34 6.46
C GLN B 177 -9.12 18.73 6.96
N VAL B 178 -10.12 19.34 6.32
CA VAL B 178 -10.52 20.70 6.66
C VAL B 178 -11.26 20.68 7.98
N THR B 179 -10.80 21.51 8.93
CA THR B 179 -11.39 21.54 10.27
C THR B 179 -12.56 22.51 10.36
N CYS B 180 -12.46 23.69 9.78
CA CYS B 180 -13.52 24.68 9.89
C CYS B 180 -13.53 25.60 8.68
N VAL B 181 -14.73 26.00 8.27
CA VAL B 181 -14.92 27.07 7.29
C VAL B 181 -15.94 28.05 7.85
N ALA B 182 -15.69 29.34 7.65
CA ALA B 182 -16.51 30.40 8.25
C ALA B 182 -16.67 31.52 7.24
N ALA B 183 -17.91 31.72 6.78
CA ALA B 183 -18.17 32.76 5.79
C ALA B 183 -18.02 34.14 6.42
N SER B 184 -17.52 35.09 5.63
CA SER B 184 -17.50 36.47 6.08
C SER B 184 -18.94 36.97 6.22
N PRO B 185 -19.24 37.80 7.23
CA PRO B 185 -20.64 38.13 7.51
C PRO B 185 -21.32 38.94 6.41
N HIS B 186 -20.58 39.78 5.68
CA HIS B 186 -21.20 40.72 4.76
C HIS B 186 -20.74 40.61 3.31
N LYS B 187 -19.75 39.79 3.01
CA LYS B 187 -19.33 39.53 1.64
C LYS B 187 -19.45 38.03 1.38
N ASP B 188 -20.13 37.66 0.29
CA ASP B 188 -20.29 36.27 -0.06
C ASP B 188 -19.27 35.81 -1.10
N SER B 189 -18.18 36.55 -1.26
CA SER B 189 -17.01 36.10 -1.99
C SER B 189 -15.82 35.88 -1.08
N VAL B 190 -16.00 36.04 0.24
CA VAL B 190 -14.91 36.00 1.21
C VAL B 190 -15.30 35.05 2.34
N PHE B 191 -14.34 34.24 2.77
CA PHE B 191 -14.54 33.35 3.92
C PHE B 191 -13.18 32.81 4.36
N LEU B 192 -13.15 32.35 5.61
CA LEU B 192 -11.96 31.75 6.19
C LEU B 192 -12.08 30.23 6.22
N SER B 193 -10.93 29.55 6.23
CA SER B 193 -10.90 28.11 6.39
C SER B 193 -9.62 27.69 7.08
N CYS B 194 -9.73 26.74 8.00
CA CYS B 194 -8.57 26.19 8.69
C CYS B 194 -8.63 24.67 8.65
N SER B 195 -7.47 24.05 8.44
CA SER B 195 -7.33 22.61 8.31
C SER B 195 -6.22 22.12 9.25
N GLU B 196 -6.04 20.80 9.28
CA GLU B 196 -5.01 20.17 10.08
C GLU B 196 -3.66 20.11 9.37
N ASP B 197 -3.55 20.70 8.19
CA ASP B 197 -2.25 20.98 7.58
C ASP B 197 -1.64 22.26 8.12
N ASN B 198 -2.23 22.81 9.19
CA ASN B 198 -1.74 24.01 9.87
C ASN B 198 -1.84 25.26 9.00
N ARG B 199 -2.80 25.29 8.09
CA ARG B 199 -3.03 26.44 7.22
C ARG B 199 -4.31 27.16 7.61
N ILE B 200 -4.26 28.49 7.63
CA ILE B 200 -5.43 29.35 7.79
C ILE B 200 -5.51 30.19 6.52
N LEU B 201 -6.55 29.96 5.73
CA LEU B 201 -6.71 30.60 4.43
C LEU B 201 -7.83 31.63 4.50
N LEU B 202 -7.54 32.83 4.03
CA LEU B 202 -8.55 33.85 3.74
C LEU B 202 -8.83 33.80 2.25
N TRP B 203 -10.09 33.62 1.89
CA TRP B 203 -10.48 33.40 0.50
C TRP B 203 -11.07 34.68 -0.10
N ASP B 204 -10.94 34.80 -1.42
CA ASP B 204 -11.63 35.84 -2.17
C ASP B 204 -11.87 35.28 -3.56
N THR B 205 -13.09 34.79 -3.78
CA THR B 205 -13.43 34.04 -4.99
C THR B 205 -13.37 34.90 -6.24
N ARG B 206 -13.06 36.18 -6.06
CA ARG B 206 -12.91 37.09 -7.19
C ARG B 206 -11.51 37.08 -7.79
N CYS B 207 -10.54 36.42 -7.10
CA CYS B 207 -9.16 36.26 -7.56
C CYS B 207 -9.00 34.95 -8.32
N PRO B 208 -8.12 34.92 -9.33
CA PRO B 208 -7.87 33.65 -10.02
C PRO B 208 -7.21 32.62 -9.11
N LYS B 209 -6.39 33.05 -8.15
CA LYS B 209 -5.92 32.21 -7.07
C LYS B 209 -6.64 32.67 -5.80
N PRO B 210 -7.80 32.10 -5.47
CA PRO B 210 -8.66 32.69 -4.44
C PRO B 210 -8.08 32.68 -3.04
N ALA B 211 -7.52 31.56 -2.61
CA ALA B 211 -7.08 31.44 -1.22
C ALA B 211 -5.79 32.21 -0.99
N SER B 212 -5.61 32.65 0.25
CA SER B 212 -4.40 33.35 0.66
C SER B 212 -4.01 32.88 2.06
N GLN B 213 -2.78 32.39 2.21
CA GLN B 213 -2.29 31.91 3.49
C GLN B 213 -1.89 33.08 4.37
N ILE B 214 -2.43 33.12 5.59
CA ILE B 214 -2.19 34.24 6.51
C ILE B 214 -1.83 33.69 7.89
N GLY B 215 -0.62 33.15 8.02
CA GLY B 215 -0.23 32.46 9.24
C GLY B 215 0.35 33.40 10.28
N CYS B 216 -0.01 33.14 11.55
CA CYS B 216 0.57 33.87 12.67
C CYS B 216 1.91 33.26 13.04
N SER B 217 2.93 34.12 13.22
CA SER B 217 4.26 33.70 13.64
C SER B 217 4.85 32.70 12.66
N ALA B 218 5.06 31.45 13.09
CA ALA B 218 5.48 30.43 12.14
C ALA B 218 4.94 29.05 12.52
N PRO B 219 5.61 28.21 13.36
CA PRO B 219 5.00 26.88 13.50
C PRO B 219 4.00 26.81 14.66
N GLY B 220 2.84 27.44 14.45
CA GLY B 220 1.80 27.41 15.46
C GLY B 220 1.05 26.09 15.48
N TYR B 221 0.41 25.82 16.62
CA TYR B 221 -0.34 24.59 16.77
C TYR B 221 -1.59 24.62 15.89
N LEU B 222 -2.12 23.43 15.64
CA LEU B 222 -3.14 23.24 14.60
C LEU B 222 -4.40 24.04 14.92
N PRO B 223 -4.91 24.85 13.99
CA PRO B 223 -6.15 25.58 14.23
C PRO B 223 -7.37 24.67 14.16
N THR B 224 -8.40 25.02 14.93
CA THR B 224 -9.56 24.14 15.07
C THR B 224 -10.89 24.86 14.87
N SER B 225 -10.98 26.12 15.30
CA SER B 225 -12.24 26.86 15.23
C SER B 225 -11.98 28.29 14.77
N LEU B 226 -12.90 28.81 13.95
CA LEU B 226 -12.78 30.14 13.35
C LEU B 226 -14.05 30.95 13.61
N ALA B 227 -13.88 32.24 13.87
CA ALA B 227 -15.03 33.11 14.09
C ALA B 227 -14.67 34.53 13.68
N TRP B 228 -15.42 35.08 12.72
CA TRP B 228 -15.29 36.49 12.38
C TRP B 228 -15.80 37.36 13.52
N HIS B 229 -15.30 38.59 13.58
CA HIS B 229 -15.82 39.55 14.55
C HIS B 229 -17.08 40.21 14.00
N PRO B 230 -18.12 40.40 14.83
CA PRO B 230 -19.39 40.91 14.30
C PRO B 230 -19.27 42.29 13.67
N GLN B 231 -18.75 43.28 14.40
CA GLN B 231 -18.64 44.64 13.88
C GLN B 231 -17.30 44.83 13.17
N GLN B 232 -16.21 44.87 13.93
CA GLN B 232 -14.87 45.09 13.38
C GLN B 232 -14.57 44.08 12.27
N SER B 233 -14.78 44.49 11.02
CA SER B 233 -14.44 43.62 9.91
C SER B 233 -12.93 43.57 9.70
N GLU B 234 -12.49 42.58 8.92
CA GLU B 234 -11.08 42.28 8.68
C GLU B 234 -10.35 41.84 9.95
N VAL B 235 -11.07 41.41 10.98
CA VAL B 235 -10.47 40.83 12.18
C VAL B 235 -11.26 39.59 12.55
N PHE B 236 -10.58 38.60 13.09
CA PHE B 236 -11.24 37.37 13.50
C PHE B 236 -10.46 36.71 14.64
N VAL B 237 -11.00 35.58 15.11
CA VAL B 237 -10.37 34.79 16.16
C VAL B 237 -10.35 33.33 15.74
N PHE B 238 -9.31 32.62 16.18
CA PHE B 238 -9.19 31.19 15.92
C PHE B 238 -8.65 30.49 17.15
N GLY B 239 -9.15 29.27 17.38
CA GLY B 239 -8.69 28.42 18.46
C GLY B 239 -7.81 27.32 17.92
N ASP B 240 -6.87 26.87 18.75
CA ASP B 240 -5.98 25.79 18.34
C ASP B 240 -6.27 24.54 19.16
N GLU B 241 -5.53 23.47 18.83
CA GLU B 241 -5.67 22.18 19.51
C GLU B 241 -5.05 22.17 20.90
N ASN B 242 -4.29 23.21 21.26
CA ASN B 242 -3.65 23.29 22.56
C ASN B 242 -4.49 24.02 23.60
N GLY B 243 -5.58 24.68 23.17
CA GLY B 243 -6.41 25.45 24.07
C GLY B 243 -6.22 26.94 23.98
N THR B 244 -5.42 27.42 23.05
CA THR B 244 -5.13 28.84 22.92
C THR B 244 -6.09 29.46 21.91
N VAL B 245 -6.70 30.59 22.31
CA VAL B 245 -7.56 31.38 21.45
C VAL B 245 -6.80 32.64 21.05
N SER B 246 -6.80 32.95 19.76
CA SER B 246 -5.96 34.01 19.22
C SER B 246 -6.81 34.96 18.40
N LEU B 247 -6.47 36.26 18.47
CA LEU B 247 -7.17 37.32 17.76
C LEU B 247 -6.21 37.90 16.73
N VAL B 248 -6.67 38.03 15.48
CA VAL B 248 -5.79 38.36 14.36
C VAL B 248 -6.51 39.28 13.38
N ASP B 249 -5.78 40.30 12.93
CA ASP B 249 -6.25 41.28 11.95
C ASP B 249 -5.73 40.86 10.57
N THR B 250 -6.61 40.91 9.56
CA THR B 250 -6.25 40.43 8.23
C THR B 250 -5.24 41.36 7.56
N LYS B 251 -5.61 42.64 7.40
CA LYS B 251 -4.73 43.58 6.72
C LYS B 251 -3.42 43.75 7.47
N SER B 252 -3.47 43.74 8.81
CA SER B 252 -2.26 43.82 9.61
C SER B 252 -1.50 42.50 9.66
N THR B 253 -2.18 41.38 9.37
CA THR B 253 -1.67 40.01 9.42
C THR B 253 -0.56 39.80 10.46
N SER B 254 -0.85 40.17 11.71
CA SER B 254 0.04 39.93 12.83
C SER B 254 -0.78 39.65 14.06
N CYS B 255 -0.40 38.60 14.81
CA CYS B 255 -1.14 38.20 16.00
C CYS B 255 -1.06 39.28 17.08
N VAL B 256 -2.05 40.16 17.12
CA VAL B 256 -2.05 41.25 18.08
C VAL B 256 -2.20 40.73 19.50
N LEU B 257 -2.87 39.60 19.68
CA LEU B 257 -3.14 39.09 21.02
C LEU B 257 -3.58 37.63 20.93
N SER B 258 -3.32 36.90 22.02
CA SER B 258 -3.76 35.51 22.15
C SER B 258 -3.64 35.11 23.61
N SER B 259 -4.56 34.26 24.06
CA SER B 259 -4.62 33.85 25.45
C SER B 259 -4.84 32.36 25.55
N ALA B 260 -4.22 31.75 26.55
CA ALA B 260 -4.39 30.32 26.84
C ALA B 260 -5.62 30.19 27.73
N VAL B 261 -6.78 30.02 27.10
CA VAL B 261 -8.05 29.97 27.82
C VAL B 261 -8.36 28.56 28.31
N HIS B 262 -8.24 27.57 27.43
CA HIS B 262 -8.64 26.20 27.73
C HIS B 262 -7.42 25.30 27.86
N SER B 263 -7.60 24.19 28.56
CA SER B 263 -6.54 23.22 28.72
C SER B 263 -6.46 22.25 27.53
N GLN B 264 -7.57 22.04 26.84
CA GLN B 264 -7.62 21.15 25.69
C GLN B 264 -8.08 21.91 24.45
N CYS B 265 -8.22 21.16 23.35
CA CYS B 265 -8.55 21.73 22.04
C CYS B 265 -9.78 22.62 22.12
N VAL B 266 -9.79 23.67 21.31
CA VAL B 266 -10.90 24.61 21.22
C VAL B 266 -11.79 24.20 20.06
N THR B 267 -13.04 23.87 20.35
CA THR B 267 -13.94 23.31 19.35
C THR B 267 -14.82 24.35 18.65
N GLY B 268 -15.10 25.48 19.30
CA GLY B 268 -15.97 26.47 18.72
C GLY B 268 -15.79 27.83 19.34
N LEU B 269 -16.19 28.85 18.59
CA LEU B 269 -16.09 30.24 19.04
C LEU B 269 -17.29 31.00 18.49
N VAL B 270 -18.06 31.62 19.38
CA VAL B 270 -19.26 32.37 19.00
C VAL B 270 -19.21 33.73 19.67
N PHE B 271 -19.38 34.79 18.89
CA PHE B 271 -19.50 36.13 19.41
C PHE B 271 -20.94 36.45 19.78
N SER B 272 -21.12 37.35 20.72
CA SER B 272 -22.44 37.74 21.22
C SER B 272 -23.04 38.83 20.35
N PRO B 273 -24.37 38.97 20.35
CA PRO B 273 -25.00 40.04 19.56
C PRO B 273 -24.84 41.43 20.14
N HIS B 274 -24.11 41.59 21.24
CA HIS B 274 -23.90 42.89 21.83
C HIS B 274 -23.21 43.83 20.84
N SER B 275 -23.39 45.14 21.06
CA SER B 275 -22.60 46.11 20.32
C SER B 275 -21.13 46.00 20.68
N VAL B 276 -20.83 45.68 21.95
CA VAL B 276 -19.49 45.30 22.37
C VAL B 276 -19.52 43.79 22.57
N PRO B 277 -19.12 43.00 21.58
CA PRO B 277 -19.42 41.56 21.61
C PRO B 277 -18.57 40.79 22.61
N PHE B 278 -19.24 39.91 23.35
CA PHE B 278 -18.54 38.90 24.14
C PHE B 278 -18.21 37.72 23.24
N LEU B 279 -17.17 36.97 23.62
CA LEU B 279 -16.70 35.83 22.84
C LEU B 279 -16.84 34.57 23.67
N ALA B 280 -17.65 33.62 23.20
CA ALA B 280 -17.83 32.35 23.88
C ALA B 280 -16.92 31.30 23.26
N SER B 281 -16.11 30.66 24.10
CA SER B 281 -15.14 29.66 23.68
C SER B 281 -15.51 28.32 24.28
N LEU B 282 -15.54 27.30 23.43
CA LEU B 282 -15.91 25.94 23.76
C LEU B 282 -14.68 25.05 23.62
N SER B 283 -14.59 24.03 24.47
CA SER B 283 -13.41 23.18 24.45
C SER B 283 -13.79 21.74 24.77
N GLU B 284 -12.83 20.84 24.54
CA GLU B 284 -12.95 19.44 24.91
C GLU B 284 -12.54 19.18 26.36
N ASP B 285 -12.13 20.22 27.10
CA ASP B 285 -11.97 20.10 28.54
C ASP B 285 -13.29 20.23 29.28
N CYS B 286 -14.40 20.28 28.53
CA CYS B 286 -15.76 20.28 29.07
C CYS B 286 -16.10 21.58 29.80
N SER B 287 -15.53 22.70 29.36
CA SER B 287 -15.76 23.99 30.00
C SER B 287 -16.15 25.02 28.97
N LEU B 288 -17.02 25.95 29.38
CA LEU B 288 -17.37 27.12 28.59
C LEU B 288 -16.69 28.35 29.17
N ALA B 289 -16.15 29.20 28.30
CA ALA B 289 -15.54 30.44 28.76
C ALA B 289 -16.11 31.62 27.97
N VAL B 290 -16.23 32.76 28.63
CA VAL B 290 -16.70 33.98 27.99
C VAL B 290 -15.66 35.07 28.20
N LEU B 291 -15.30 35.74 27.11
CA LEU B 291 -14.16 36.66 27.09
C LEU B 291 -14.58 37.99 26.51
N ASP B 292 -13.81 39.01 26.86
CA ASP B 292 -14.04 40.38 26.38
C ASP B 292 -13.28 40.57 25.07
N SER B 293 -13.01 41.81 24.67
CA SER B 293 -12.28 42.09 23.44
C SER B 293 -10.78 41.93 23.59
N SER B 294 -10.26 41.84 24.82
CA SER B 294 -8.85 41.60 25.07
C SER B 294 -8.59 40.18 25.57
N LEU B 295 -9.57 39.29 25.41
CA LEU B 295 -9.43 37.86 25.70
C LEU B 295 -9.04 37.62 27.16
N SER B 296 -9.79 38.24 28.07
CA SER B 296 -9.68 37.98 29.49
C SER B 296 -10.88 37.18 29.97
N GLU B 297 -10.65 36.31 30.94
CA GLU B 297 -11.69 35.40 31.41
C GLU B 297 -12.68 36.16 32.29
N LEU B 298 -13.94 36.21 31.86
CA LEU B 298 -15.01 36.86 32.59
C LEU B 298 -15.98 35.87 33.23
N PHE B 299 -16.39 34.84 32.49
CA PHE B 299 -17.30 33.83 33.01
C PHE B 299 -16.80 32.46 32.58
N ARG B 300 -17.00 31.47 33.45
CA ARG B 300 -16.54 30.12 33.20
C ARG B 300 -17.55 29.13 33.76
N SER B 301 -17.84 28.09 32.99
CA SER B 301 -18.84 27.10 33.36
C SER B 301 -18.26 25.71 33.23
N GLN B 302 -18.26 24.98 34.34
CA GLN B 302 -17.95 23.55 34.38
C GLN B 302 -19.20 22.69 34.32
N ALA B 303 -20.36 23.28 33.99
CA ALA B 303 -21.63 22.59 34.11
C ALA B 303 -21.69 21.32 33.25
N HIS B 304 -21.02 21.33 32.11
CA HIS B 304 -20.97 20.15 31.26
C HIS B 304 -19.95 19.15 31.79
N ARG B 305 -20.33 17.88 31.82
CA ARG B 305 -19.45 16.80 32.24
C ARG B 305 -18.90 16.02 31.05
N ASP B 306 -19.24 16.40 29.82
CA ASP B 306 -18.63 15.85 28.62
C ASP B 306 -18.26 17.01 27.70
N PHE B 307 -17.85 16.71 26.47
CA PHE B 307 -17.41 17.75 25.55
C PHE B 307 -18.49 18.81 25.35
N VAL B 308 -18.06 20.06 25.24
CA VAL B 308 -18.94 21.16 24.86
C VAL B 308 -18.84 21.34 23.35
N ARG B 309 -19.97 21.26 22.66
CA ARG B 309 -19.99 21.14 21.20
C ARG B 309 -20.46 22.39 20.49
N ASP B 310 -21.45 23.12 21.02
CA ASP B 310 -21.95 24.30 20.36
C ASP B 310 -22.41 25.30 21.41
N ALA B 311 -22.82 26.49 20.95
CA ALA B 311 -23.30 27.55 21.83
C ALA B 311 -23.93 28.65 20.98
N THR B 312 -25.02 29.23 21.49
CA THR B 312 -25.67 30.35 20.81
C THR B 312 -26.27 31.29 21.83
N TRP B 313 -26.23 32.58 21.51
CA TRP B 313 -26.83 33.60 22.36
C TRP B 313 -28.28 33.83 21.97
N SER B 314 -29.09 34.18 22.96
CA SER B 314 -30.51 34.39 22.71
C SER B 314 -30.75 35.75 22.07
N PRO B 315 -31.49 35.82 20.96
CA PRO B 315 -31.80 37.13 20.37
C PRO B 315 -32.73 37.95 21.24
N LEU B 316 -33.64 37.31 21.97
CA LEU B 316 -34.53 38.02 22.88
C LEU B 316 -33.75 38.62 24.04
N ASN B 317 -33.03 37.78 24.77
CA ASN B 317 -32.25 38.20 25.94
C ASN B 317 -30.78 38.01 25.60
N HIS B 318 -30.06 39.12 25.43
CA HIS B 318 -28.66 39.09 25.05
C HIS B 318 -27.73 38.72 26.21
N SER B 319 -28.27 38.42 27.39
CA SER B 319 -27.47 37.98 28.53
C SER B 319 -27.62 36.49 28.80
N LEU B 320 -28.34 35.76 27.96
CA LEU B 320 -28.55 34.33 28.11
C LEU B 320 -27.81 33.59 27.01
N LEU B 321 -27.05 32.56 27.39
CA LEU B 321 -26.24 31.80 26.46
C LEU B 321 -26.58 30.31 26.59
N THR B 322 -26.86 29.65 25.48
CA THR B 322 -27.28 28.25 25.50
C THR B 322 -26.16 27.38 24.92
N THR B 323 -25.73 26.40 25.72
CA THR B 323 -24.68 25.46 25.32
C THR B 323 -25.22 24.04 25.34
N VAL B 324 -24.77 23.24 24.38
CA VAL B 324 -25.10 21.82 24.33
C VAL B 324 -23.80 21.03 24.31
N GLY B 325 -23.86 19.80 24.84
CA GLY B 325 -22.69 18.97 24.94
C GLY B 325 -23.01 17.52 24.65
N TRP B 326 -21.96 16.69 24.67
CA TRP B 326 -22.11 15.27 24.46
C TRP B 326 -22.65 14.54 25.68
N ASP B 327 -22.85 15.24 26.80
CA ASP B 327 -23.53 14.67 27.96
C ASP B 327 -25.04 14.82 27.85
N HIS B 328 -25.55 15.20 26.68
CA HIS B 328 -26.98 15.36 26.41
C HIS B 328 -27.61 16.45 27.27
N GLN B 329 -26.83 17.41 27.74
CA GLN B 329 -27.33 18.53 28.53
C GLN B 329 -27.51 19.76 27.65
N VAL B 330 -28.57 20.51 27.92
CA VAL B 330 -28.83 21.80 27.27
C VAL B 330 -28.84 22.83 28.39
N VAL B 331 -27.75 23.56 28.55
CA VAL B 331 -27.57 24.46 29.69
C VAL B 331 -27.76 25.89 29.23
N HIS B 332 -28.46 26.68 30.06
CA HIS B 332 -28.68 28.10 29.83
C HIS B 332 -27.93 28.87 30.92
N HIS B 333 -26.93 29.64 30.51
CA HIS B 333 -26.09 30.43 31.40
C HIS B 333 -26.52 31.89 31.39
N VAL B 334 -26.48 32.50 32.56
CA VAL B 334 -26.63 33.94 32.71
C VAL B 334 -25.24 34.56 32.77
N VAL B 335 -25.03 35.63 32.02
CA VAL B 335 -23.71 36.22 31.81
C VAL B 335 -23.74 37.66 32.31
N PRO B 336 -22.98 38.00 33.35
CA PRO B 336 -22.90 39.37 33.87
C PRO B 336 -22.12 40.30 32.96
#